data_1PXT
#
_entry.id   1PXT
#
_cell.length_a   71.780
_cell.length_b   93.720
_cell.length_c   120.450
_cell.angle_alpha   90.00
_cell.angle_beta   90.00
_cell.angle_gamma   90.00
#
_symmetry.space_group_name_H-M   'P 21 21 21'
#
_entity_poly.entity_id   1
_entity_poly.type   'polypeptide(L)'
_entity_poly.pdbx_seq_one_letter_code
;LLEKRPEDVVIVAANRSAIGKGFKGAFKDVNTDYLLYNFLNEFIGRFPEPLRADLNLIEEVACGNVLNVGAGATEHRAAC
LASGIPYSTPFVALNRQCSSGLTAVNDIANKIKVGQIDIGLALGVESMTNNYKNVNPLGMISSEELQKNREAKKCLIPMG
ITNENVAANFKISRKDQDEFAANSYQKAYKAKNEGLFEDEILPIKLPDGSICQSDEGPRPNVTAESLSSIRPAFIKDRGT
TTAGNASQVSDGVAGVLLARRSVANQLNLPVLGRYIDFQTVGVPPEIMGVGPAYAIPKVLEATGLQVQDIDIFEINEAFA
AQALYCIHKLGIDLNKVNPRGGAIALGHPLGCTGARQVATILRELKKDQIGVVSMCIGTGMGAAAIFIKE
;
_entity_poly.pdbx_strand_id   A,B
#
# COMPACT_ATOMS: atom_id res chain seq x y z
N LEU A 1 -3.39 18.49 -22.37
CA LEU A 1 -3.81 18.22 -20.95
C LEU A 1 -4.33 19.41 -20.11
N LEU A 2 -3.83 20.63 -20.37
CA LEU A 2 -4.19 21.83 -19.61
C LEU A 2 -5.60 22.34 -19.80
N GLU A 3 -6.49 21.38 -19.98
CA GLU A 3 -7.92 21.63 -20.11
C GLU A 3 -8.35 21.13 -18.72
N LYS A 4 -9.40 21.67 -18.13
CA LYS A 4 -9.80 21.18 -16.82
C LYS A 4 -11.19 20.62 -16.83
N ARG A 5 -11.27 19.33 -16.51
CA ARG A 5 -12.54 18.60 -16.49
C ARG A 5 -12.89 18.35 -15.05
N PRO A 6 -14.17 18.21 -14.73
CA PRO A 6 -14.53 17.97 -13.32
C PRO A 6 -13.92 16.66 -12.80
N GLU A 7 -13.70 15.73 -13.74
CA GLU A 7 -13.11 14.42 -13.48
C GLU A 7 -11.68 14.50 -12.98
N ASP A 8 -11.18 15.72 -12.79
CA ASP A 8 -9.80 15.90 -12.35
C ASP A 8 -9.59 15.65 -10.85
N VAL A 9 -8.39 15.14 -10.55
CA VAL A 9 -7.94 14.84 -9.19
C VAL A 9 -7.22 16.12 -8.86
N VAL A 10 -7.84 16.85 -7.97
CA VAL A 10 -7.41 18.16 -7.56
C VAL A 10 -6.83 18.27 -6.16
N ILE A 11 -5.64 18.88 -6.04
CA ILE A 11 -5.04 19.08 -4.71
C ILE A 11 -5.72 20.27 -3.98
N VAL A 12 -6.38 19.97 -2.86
CA VAL A 12 -7.06 20.98 -2.04
C VAL A 12 -6.16 21.60 -0.95
N ALA A 13 -5.14 20.86 -0.52
CA ALA A 13 -4.24 21.37 0.49
C ALA A 13 -3.02 20.50 0.42
N ALA A 14 -1.87 21.01 0.85
CA ALA A 14 -0.65 20.25 0.81
C ALA A 14 0.42 21.00 1.59
N ASN A 15 0.59 20.64 2.85
CA ASN A 15 1.57 21.28 3.71
C ASN A 15 2.57 20.29 4.24
N ARG A 16 3.68 20.76 4.74
CA ARG A 16 4.68 19.88 5.27
C ARG A 16 5.16 20.47 6.56
N SER A 17 6.06 19.77 7.22
CA SER A 17 6.60 20.29 8.45
C SER A 17 8.04 20.76 8.10
N ALA A 18 8.74 21.31 9.07
CA ALA A 18 10.10 21.70 8.83
C ALA A 18 10.76 20.35 8.95
N ILE A 19 11.72 20.06 8.10
CA ILE A 19 12.42 18.79 8.16
C ILE A 19 13.46 18.93 9.25
N GLY A 20 13.30 18.20 10.34
CA GLY A 20 14.26 18.24 11.43
C GLY A 20 15.55 17.57 10.98
N LYS A 21 16.55 17.53 11.86
CA LYS A 21 17.81 16.88 11.51
C LYS A 21 17.88 15.53 12.20
N GLY A 22 18.51 14.59 11.52
CA GLY A 22 18.63 13.25 12.07
C GLY A 22 19.55 13.24 13.24
N PHE A 23 19.23 12.39 14.20
CA PHE A 23 19.98 12.18 15.44
C PHE A 23 20.25 13.36 16.37
N LYS A 24 20.02 14.60 15.92
CA LYS A 24 20.29 15.77 16.74
C LYS A 24 19.24 16.87 16.61
N GLY A 25 18.66 17.03 15.43
CA GLY A 25 17.66 18.06 15.24
C GLY A 25 16.45 18.08 16.13
N ALA A 26 15.64 19.12 15.97
CA ALA A 26 14.42 19.37 16.73
C ALA A 26 13.54 18.20 17.15
N PHE A 27 13.33 17.25 16.24
CA PHE A 27 12.43 16.13 16.51
C PHE A 27 13.00 14.89 17.24
N LYS A 28 14.33 14.82 17.36
CA LYS A 28 15.03 13.71 17.98
C LYS A 28 14.44 13.11 19.25
N ASP A 29 13.54 13.82 19.91
CA ASP A 29 12.97 13.27 21.13
C ASP A 29 11.52 12.96 20.85
N VAL A 30 11.25 12.47 19.65
CA VAL A 30 9.88 12.16 19.28
C VAL A 30 9.85 11.19 18.10
N ASN A 31 8.73 10.49 17.96
CA ASN A 31 8.52 9.51 16.90
C ASN A 31 7.35 9.92 16.04
N THR A 32 7.23 9.21 14.92
CA THR A 32 6.19 9.40 13.92
C THR A 32 4.80 9.71 14.43
N ASP A 33 4.35 8.99 15.45
CA ASP A 33 3.02 9.24 15.99
C ASP A 33 2.77 10.68 16.47
N TYR A 34 3.81 11.28 17.05
CA TYR A 34 3.76 12.64 17.59
C TYR A 34 3.84 13.65 16.42
N LEU A 35 4.74 13.38 15.48
CA LEU A 35 4.93 14.22 14.30
C LEU A 35 3.61 14.19 13.52
N LEU A 36 2.95 13.03 13.51
CA LEU A 36 1.72 12.92 12.74
C LEU A 36 0.59 13.61 13.43
N TYR A 37 0.39 13.27 14.69
CA TYR A 37 -0.69 13.84 15.49
C TYR A 37 -0.66 15.37 15.36
N ASN A 38 0.55 15.92 15.53
CA ASN A 38 0.75 17.34 15.44
C ASN A 38 0.59 17.89 14.05
N PHE A 39 1.30 17.31 13.09
CA PHE A 39 1.13 17.80 11.73
C PHE A 39 -0.38 17.91 11.38
N LEU A 40 -1.12 16.84 11.68
CA LEU A 40 -2.53 16.80 11.41
C LEU A 40 -3.36 17.84 12.10
N ASN A 41 -3.10 18.09 13.39
CA ASN A 41 -3.89 19.08 14.14
C ASN A 41 -3.73 20.43 13.49
N GLU A 42 -2.53 20.66 12.96
CA GLU A 42 -2.20 21.88 12.26
C GLU A 42 -2.94 21.85 10.91
N PHE A 43 -2.50 20.97 10.02
CA PHE A 43 -3.09 20.78 8.68
C PHE A 43 -4.60 20.94 8.71
N ILE A 44 -5.25 20.24 9.63
CA ILE A 44 -6.72 20.27 9.72
C ILE A 44 -7.24 21.65 9.97
N GLY A 45 -6.46 22.44 10.70
CA GLY A 45 -6.83 23.82 10.97
C GLY A 45 -6.75 24.60 9.66
N ARG A 46 -5.70 24.36 8.91
CA ARG A 46 -5.49 25.01 7.63
C ARG A 46 -6.35 24.29 6.57
N PHE A 47 -7.54 23.86 6.98
CA PHE A 47 -8.46 23.13 6.11
C PHE A 47 -9.72 23.95 5.96
N PRO A 48 -10.25 24.01 4.72
CA PRO A 48 -11.46 24.78 4.49
C PRO A 48 -12.67 24.38 5.31
N GLU A 49 -13.28 25.40 5.85
CA GLU A 49 -14.48 25.34 6.66
C GLU A 49 -15.28 24.03 6.51
N PRO A 50 -15.81 23.73 5.31
CA PRO A 50 -16.60 22.52 5.07
C PRO A 50 -16.00 21.19 5.53
N LEU A 51 -14.76 20.93 5.13
CA LEU A 51 -14.09 19.71 5.51
C LEU A 51 -13.99 19.70 7.02
N ARG A 52 -13.33 20.70 7.60
CA ARG A 52 -13.18 20.78 9.05
C ARG A 52 -14.51 20.49 9.73
N ALA A 53 -15.58 20.97 9.12
CA ALA A 53 -16.89 20.73 9.66
C ALA A 53 -17.10 19.23 9.74
N ASP A 54 -16.99 18.56 8.60
CA ASP A 54 -17.19 17.12 8.52
C ASP A 54 -16.00 16.27 8.90
N LEU A 55 -14.92 16.39 8.14
CA LEU A 55 -13.66 15.65 8.38
C LEU A 55 -13.91 14.16 8.12
N ASN A 56 -15.17 13.80 7.95
CA ASN A 56 -15.59 12.43 7.67
C ASN A 56 -15.80 12.32 6.17
N LEU A 57 -15.69 13.44 5.49
CA LEU A 57 -15.84 13.46 4.05
C LEU A 57 -14.59 12.82 3.48
N ILE A 58 -13.54 12.77 4.29
CA ILE A 58 -12.26 12.18 3.89
C ILE A 58 -12.52 10.68 3.98
N GLU A 59 -12.44 9.99 2.85
CA GLU A 59 -12.71 8.56 2.85
C GLU A 59 -11.54 7.62 2.64
N GLU A 60 -10.37 7.98 3.13
CA GLU A 60 -9.21 7.12 3.00
C GLU A 60 -7.97 7.94 3.38
N VAL A 61 -7.05 7.32 4.11
CA VAL A 61 -5.81 7.95 4.50
C VAL A 61 -4.69 6.96 4.20
N ALA A 62 -4.01 7.15 3.08
CA ALA A 62 -2.90 6.28 2.72
C ALA A 62 -1.74 7.08 3.29
N CYS A 63 -0.74 6.41 3.86
CA CYS A 63 0.34 7.13 4.49
C CYS A 63 1.65 6.39 4.39
N GLY A 64 2.53 6.85 3.53
CA GLY A 64 3.80 6.17 3.38
C GLY A 64 4.63 6.20 4.63
N ASN A 65 5.51 5.23 4.74
CA ASN A 65 6.41 5.08 5.84
C ASN A 65 7.30 3.94 5.36
N VAL A 66 8.56 3.97 5.76
CA VAL A 66 9.53 3.02 5.28
C VAL A 66 10.21 2.16 6.33
N LEU A 67 10.44 2.72 7.51
CA LEU A 67 11.23 2.05 8.56
C LEU A 67 10.54 1.50 9.83
N ASN A 68 9.28 1.84 10.07
CA ASN A 68 8.54 1.35 11.23
C ASN A 68 8.08 -0.11 11.02
N VAL A 69 7.77 -0.79 12.12
CA VAL A 69 7.28 -2.17 12.12
C VAL A 69 5.93 -2.15 11.37
N GLY A 70 5.90 -2.79 10.21
CA GLY A 70 4.68 -2.81 9.40
C GLY A 70 4.36 -1.40 8.92
N ALA A 71 5.41 -0.63 8.58
CA ALA A 71 5.29 0.76 8.11
C ALA A 71 4.36 1.57 8.96
N GLY A 72 4.43 1.36 10.27
CA GLY A 72 3.62 2.15 11.18
C GLY A 72 2.12 2.20 11.03
N ALA A 73 1.52 1.14 10.54
CA ALA A 73 0.09 1.07 10.37
C ALA A 73 -0.75 1.35 11.63
N THR A 74 -0.38 0.76 12.78
CA THR A 74 -1.17 0.98 14.01
C THR A 74 -0.94 2.35 14.64
N GLU A 75 0.32 2.65 14.92
CA GLU A 75 0.67 3.92 15.50
C GLU A 75 0.01 5.06 14.75
N HIS A 76 0.27 5.20 13.45
CA HIS A 76 -0.31 6.29 12.64
C HIS A 76 -1.83 6.30 12.53
N ARG A 77 -2.48 5.15 12.65
CA ARG A 77 -3.96 5.15 12.56
C ARG A 77 -4.49 5.83 13.82
N ALA A 78 -3.85 5.52 14.95
CA ALA A 78 -4.17 6.11 16.26
C ALA A 78 -3.99 7.63 16.19
N ALA A 79 -2.85 8.06 15.64
CA ALA A 79 -2.53 9.47 15.47
C ALA A 79 -3.68 10.13 14.75
N CYS A 80 -4.06 9.58 13.61
CA CYS A 80 -5.21 10.10 12.85
C CYS A 80 -6.46 10.06 13.74
N LEU A 81 -6.60 8.99 14.50
CA LEU A 81 -7.74 8.81 15.40
C LEU A 81 -7.78 9.91 16.42
N ALA A 82 -6.59 10.23 16.94
CA ALA A 82 -6.36 11.24 17.99
C ALA A 82 -6.49 12.66 17.46
N SER A 83 -6.06 12.91 16.24
CA SER A 83 -6.17 14.24 15.66
C SER A 83 -7.55 14.45 15.07
N GLY A 84 -8.57 13.84 15.66
CA GLY A 84 -9.93 14.03 15.20
C GLY A 84 -10.43 13.39 13.91
N ILE A 85 -9.57 12.72 13.15
CA ILE A 85 -10.05 12.08 11.91
C ILE A 85 -10.84 10.89 12.41
N PRO A 86 -12.12 10.75 12.01
CA PRO A 86 -13.02 9.67 12.42
C PRO A 86 -12.62 8.20 12.12
N TYR A 87 -13.12 7.27 12.96
CA TYR A 87 -12.85 5.84 12.81
C TYR A 87 -13.35 5.41 11.46
N SER A 88 -14.46 6.04 11.05
CA SER A 88 -15.14 5.80 9.78
C SER A 88 -14.18 5.84 8.59
N THR A 89 -13.13 6.63 8.72
CA THR A 89 -12.19 6.77 7.64
C THR A 89 -11.19 5.67 7.65
N PRO A 90 -11.20 4.82 6.61
CA PRO A 90 -10.22 3.73 6.53
C PRO A 90 -8.84 4.35 6.50
N PHE A 91 -7.81 3.50 6.52
CA PHE A 91 -6.41 3.94 6.55
C PHE A 91 -5.58 2.85 5.87
N VAL A 92 -4.48 3.23 5.21
CA VAL A 92 -3.60 2.25 4.52
C VAL A 92 -2.15 2.69 4.72
N ALA A 93 -1.27 1.77 5.07
CA ALA A 93 0.13 2.14 5.24
C ALA A 93 0.85 1.55 4.05
N LEU A 94 1.64 2.36 3.35
CA LEU A 94 2.37 1.89 2.15
C LEU A 94 3.86 2.12 2.33
N ASN A 95 4.65 1.31 1.66
CA ASN A 95 6.09 1.46 1.69
C ASN A 95 6.68 1.15 0.31
N ARG A 96 6.98 2.22 -0.42
CA ARG A 96 7.65 2.12 -1.71
C ARG A 96 9.05 2.68 -1.53
N GLN A 97 9.48 2.76 -0.28
CA GLN A 97 10.81 3.25 0.06
C GLN A 97 10.83 4.76 -0.16
N CYS A 98 11.86 5.24 -0.84
CA CYS A 98 12.06 6.64 -1.10
C CYS A 98 10.85 7.41 -1.64
N SER A 99 10.01 6.75 -2.43
CA SER A 99 8.86 7.44 -2.99
C SER A 99 7.57 7.28 -2.23
N SER A 100 7.63 6.61 -1.09
CA SER A 100 6.43 6.32 -0.30
C SER A 100 5.40 7.42 -0.20
N GLY A 101 5.84 8.64 0.07
CA GLY A 101 4.89 9.73 0.15
C GLY A 101 4.22 10.05 -1.18
N LEU A 102 4.91 9.80 -2.29
CA LEU A 102 4.37 10.10 -3.62
C LEU A 102 3.40 8.99 -4.01
N THR A 103 3.81 7.73 -3.81
CA THR A 103 2.96 6.61 -4.15
C THR A 103 1.70 6.66 -3.28
N ALA A 104 1.81 7.28 -2.10
CA ALA A 104 0.64 7.41 -1.24
C ALA A 104 -0.30 8.36 -1.91
N VAL A 105 0.26 9.25 -2.74
CA VAL A 105 -0.54 10.22 -3.48
C VAL A 105 -1.12 9.50 -4.69
N ASN A 106 -0.29 8.63 -5.29
CA ASN A 106 -0.73 7.83 -6.41
C ASN A 106 -1.93 7.04 -5.95
N ASP A 107 -1.80 6.45 -4.77
CA ASP A 107 -2.88 5.67 -4.20
C ASP A 107 -4.16 6.43 -4.17
N ILE A 108 -4.15 7.61 -3.56
CA ILE A 108 -5.37 8.42 -3.41
C ILE A 108 -5.96 8.85 -4.77
N ALA A 109 -5.08 9.18 -5.69
CA ALA A 109 -5.47 9.60 -7.03
C ALA A 109 -6.32 8.50 -7.66
N ASN A 110 -5.72 7.33 -7.85
CA ASN A 110 -6.41 6.19 -8.44
C ASN A 110 -7.78 5.90 -7.83
N LYS A 111 -7.88 5.79 -6.52
CA LYS A 111 -9.16 5.50 -5.90
C LYS A 111 -10.20 6.54 -6.30
N ILE A 112 -9.74 7.78 -6.44
CA ILE A 112 -10.63 8.89 -6.83
C ILE A 112 -11.04 8.80 -8.32
N LYS A 113 -10.08 8.39 -9.16
CA LYS A 113 -10.33 8.25 -10.59
C LYS A 113 -11.33 7.11 -10.87
N VAL A 114 -11.05 5.97 -10.24
CA VAL A 114 -11.82 4.71 -10.31
C VAL A 114 -13.13 4.82 -9.51
N GLY A 115 -13.48 6.04 -9.11
CA GLY A 115 -14.71 6.28 -8.36
C GLY A 115 -14.77 5.71 -6.96
N GLN A 116 -13.74 4.98 -6.53
CA GLN A 116 -13.74 4.35 -5.21
C GLN A 116 -13.98 5.32 -4.06
N ILE A 117 -13.44 6.54 -4.19
CA ILE A 117 -13.60 7.62 -3.19
C ILE A 117 -13.64 8.97 -3.95
N ASP A 118 -13.94 10.02 -3.21
CA ASP A 118 -14.03 11.37 -3.74
C ASP A 118 -12.87 12.21 -3.28
N ILE A 119 -12.68 12.24 -1.96
CA ILE A 119 -11.64 13.00 -1.28
C ILE A 119 -10.79 12.00 -0.48
N GLY A 120 -9.49 12.20 -0.47
CA GLY A 120 -8.64 11.30 0.30
C GLY A 120 -7.39 12.04 0.75
N LEU A 121 -6.80 11.61 1.87
CA LEU A 121 -5.59 12.22 2.39
C LEU A 121 -4.33 11.38 2.12
N ALA A 122 -3.30 11.97 1.54
CA ALA A 122 -2.04 11.27 1.29
C ALA A 122 -1.05 11.81 2.33
N LEU A 123 -0.12 10.99 2.80
CA LEU A 123 0.84 11.41 3.83
C LEU A 123 2.16 10.78 3.64
N GLY A 124 3.14 11.33 4.34
CA GLY A 124 4.51 10.86 4.32
C GLY A 124 4.94 11.16 5.74
N VAL A 125 5.73 10.29 6.38
CA VAL A 125 6.20 10.48 7.77
C VAL A 125 7.44 9.68 7.98
N GLU A 126 8.35 10.20 8.79
CA GLU A 126 9.58 9.47 9.07
C GLU A 126 10.32 10.10 10.23
N SER A 127 10.99 9.27 11.00
CA SER A 127 11.72 9.71 12.16
C SER A 127 12.96 8.89 12.17
N MET A 128 13.79 9.09 11.16
CA MET A 128 15.02 8.33 11.03
C MET A 128 15.76 8.28 12.34
N THR A 129 15.61 9.32 13.14
CA THR A 129 16.25 9.39 14.44
C THR A 129 15.87 8.19 15.30
N ASN A 130 14.58 7.94 15.47
CA ASN A 130 14.11 6.83 16.30
C ASN A 130 14.12 5.42 15.69
N ASN A 131 13.64 5.28 14.45
CA ASN A 131 13.52 4.00 13.78
C ASN A 131 14.60 3.49 12.87
N TYR A 132 15.68 4.26 12.66
CA TYR A 132 16.72 3.77 11.75
C TYR A 132 17.38 2.49 12.25
N LYS A 133 16.94 2.00 13.40
CA LYS A 133 17.49 0.77 13.99
C LYS A 133 16.79 -0.52 13.60
N ASN A 134 15.67 -0.38 12.86
CA ASN A 134 14.92 -1.54 12.38
C ASN A 134 15.53 -1.98 11.04
N GLN A 147 18.84 -14.85 -1.05
CA GLN A 147 19.76 -14.05 -0.19
C GLN A 147 21.16 -14.12 -0.79
N LYS A 148 21.89 -15.20 -0.53
CA LYS A 148 23.25 -15.39 -1.05
C LYS A 148 23.26 -15.69 -2.55
N ASN A 149 22.43 -14.99 -3.32
CA ASN A 149 22.36 -15.21 -4.75
C ASN A 149 22.69 -13.96 -5.54
N ARG A 150 23.35 -14.15 -6.68
CA ARG A 150 23.77 -13.07 -7.56
C ARG A 150 22.62 -12.32 -8.24
N GLU A 151 21.80 -11.65 -7.43
CA GLU A 151 20.66 -10.95 -7.98
C GLU A 151 19.86 -10.21 -6.91
N ALA A 152 19.51 -10.92 -5.83
CA ALA A 152 18.75 -10.35 -4.74
C ALA A 152 19.66 -9.69 -3.70
N LYS A 153 20.94 -10.04 -3.76
CA LYS A 153 21.94 -9.47 -2.86
C LYS A 153 22.13 -7.99 -3.17
N LYS A 154 21.71 -7.62 -4.38
CA LYS A 154 21.79 -6.24 -4.84
C LYS A 154 20.79 -5.44 -4.02
N CYS A 155 19.94 -6.15 -3.28
CA CYS A 155 19.00 -5.50 -2.42
C CYS A 155 19.64 -5.46 -1.03
N LEU A 156 20.97 -5.51 -1.02
CA LEU A 156 21.77 -5.43 0.18
C LEU A 156 22.96 -4.49 -0.06
N ILE A 157 22.98 -3.84 -1.23
CA ILE A 157 24.03 -2.87 -1.55
C ILE A 157 23.60 -1.58 -0.85
N PRO A 158 24.44 -1.03 0.01
CA PRO A 158 24.05 0.20 0.71
C PRO A 158 23.88 1.32 -0.30
N MET A 159 22.83 2.09 -0.11
CA MET A 159 22.51 3.22 -0.98
C MET A 159 23.76 3.97 -1.43
N GLY A 160 24.51 4.53 -0.49
CA GLY A 160 25.71 5.28 -0.82
C GLY A 160 26.62 4.55 -1.78
N ILE A 161 26.77 3.26 -1.56
CA ILE A 161 27.60 2.44 -2.43
C ILE A 161 27.02 2.47 -3.85
N THR A 162 25.71 2.29 -3.96
CA THR A 162 25.07 2.30 -5.25
C THR A 162 25.37 3.65 -5.90
N ASN A 163 25.67 4.66 -5.08
CA ASN A 163 25.99 6.01 -5.57
C ASN A 163 27.44 6.00 -6.01
N GLU A 164 28.22 5.12 -5.41
CA GLU A 164 29.60 4.97 -5.82
C GLU A 164 29.50 4.41 -7.23
N ASN A 165 28.40 3.72 -7.52
CA ASN A 165 28.16 3.14 -8.82
C ASN A 165 27.33 4.09 -9.69
N ARG A 174 34.04 14.21 -8.49
CA ARG A 174 33.55 14.83 -7.22
C ARG A 174 33.22 16.33 -7.32
N LYS A 175 34.12 17.09 -7.96
CA LYS A 175 33.96 18.53 -8.12
C LYS A 175 32.53 18.90 -8.47
N ASP A 176 32.07 18.32 -9.57
CA ASP A 176 30.72 18.55 -10.10
C ASP A 176 29.63 18.19 -9.11
N GLN A 177 29.92 17.23 -8.23
CA GLN A 177 29.00 16.80 -7.17
C GLN A 177 29.00 17.90 -6.13
N ASP A 178 30.21 18.30 -5.72
CA ASP A 178 30.38 19.36 -4.71
C ASP A 178 29.79 20.66 -5.19
N GLU A 179 29.92 20.95 -6.48
CA GLU A 179 29.35 22.16 -7.06
C GLU A 179 27.84 22.02 -7.03
N PHE A 180 27.34 20.84 -7.41
CA PHE A 180 25.91 20.58 -7.41
C PHE A 180 25.40 20.67 -5.99
N ALA A 181 26.21 20.18 -5.06
CA ALA A 181 25.91 20.19 -3.63
C ALA A 181 25.76 21.63 -3.10
N ALA A 182 26.80 22.42 -3.33
CA ALA A 182 26.86 23.82 -2.93
C ALA A 182 25.57 24.55 -3.24
N ASN A 183 25.18 24.53 -4.51
CA ASN A 183 23.94 25.20 -4.94
C ASN A 183 22.74 24.79 -4.10
N SER A 184 22.67 23.51 -3.74
CA SER A 184 21.53 23.03 -2.99
C SER A 184 21.38 23.83 -1.72
N TYR A 185 22.47 23.92 -0.94
CA TYR A 185 22.50 24.70 0.32
C TYR A 185 22.28 26.19 0.08
N GLN A 186 22.90 26.69 -1.00
CA GLN A 186 22.80 28.08 -1.38
C GLN A 186 21.34 28.44 -1.66
N LYS A 187 20.72 27.74 -2.63
CA LYS A 187 19.30 27.97 -3.00
C LYS A 187 18.37 27.75 -1.82
N ALA A 188 18.67 26.75 -0.98
CA ALA A 188 17.83 26.47 0.19
C ALA A 188 17.83 27.56 1.27
N TYR A 189 19.02 28.04 1.66
CA TYR A 189 19.09 29.11 2.68
C TYR A 189 18.64 30.43 2.06
N LYS A 190 19.10 30.67 0.83
CA LYS A 190 18.67 31.88 0.17
C LYS A 190 17.14 31.95 0.27
N ALA A 191 16.49 30.84 -0.08
CA ALA A 191 15.02 30.70 -0.10
C ALA A 191 14.37 30.59 1.29
N LYS A 192 15.06 29.92 2.20
CA LYS A 192 14.60 29.78 3.57
C LYS A 192 14.54 31.21 4.08
N ASN A 193 15.67 31.91 3.95
CA ASN A 193 15.88 33.29 4.39
C ASN A 193 14.91 34.25 3.71
N GLU A 194 14.72 34.10 2.41
CA GLU A 194 13.79 34.99 1.75
C GLU A 194 12.33 34.64 2.14
N GLY A 195 12.20 33.67 3.06
CA GLY A 195 10.89 33.24 3.53
C GLY A 195 10.07 32.45 2.51
N LEU A 196 10.74 31.88 1.50
CA LEU A 196 10.04 31.12 0.45
C LEU A 196 9.32 29.87 0.96
N PHE A 197 9.93 29.20 1.94
CA PHE A 197 9.36 27.99 2.51
C PHE A 197 8.40 28.19 3.63
N GLU A 198 7.75 29.36 3.68
CA GLU A 198 6.81 29.71 4.76
C GLU A 198 5.37 29.23 4.65
N ASP A 199 4.76 29.45 3.48
CA ASP A 199 3.36 29.04 3.26
C ASP A 199 3.16 27.52 3.41
N GLU A 200 4.19 26.77 3.02
CA GLU A 200 4.12 25.33 3.11
C GLU A 200 4.37 24.72 4.49
N ILE A 201 5.40 25.19 5.20
CA ILE A 201 5.76 24.64 6.51
C ILE A 201 4.76 24.95 7.65
N LEU A 202 4.34 23.92 8.37
CA LEU A 202 3.46 24.11 9.50
C LEU A 202 4.33 24.01 10.76
N PRO A 203 3.93 24.72 11.85
CA PRO A 203 4.62 24.76 13.15
C PRO A 203 4.45 23.51 14.04
N ILE A 204 5.44 22.65 14.11
CA ILE A 204 5.29 21.48 14.95
C ILE A 204 5.74 21.81 16.37
N LYS A 205 4.75 21.81 17.28
CA LYS A 205 4.97 22.08 18.68
C LYS A 205 5.75 20.93 19.32
N LEU A 206 6.69 21.25 20.20
CA LEU A 206 7.53 20.24 20.84
C LEU A 206 7.25 20.08 22.32
N PRO A 207 7.66 18.95 22.91
CA PRO A 207 7.44 18.69 24.35
C PRO A 207 8.01 19.79 25.26
N ASP A 208 9.28 20.12 25.08
CA ASP A 208 9.91 21.16 25.88
C ASP A 208 9.47 22.55 25.43
N GLY A 209 8.17 22.73 25.22
CA GLY A 209 7.66 24.02 24.79
C GLY A 209 8.14 24.65 23.50
N SER A 210 9.28 24.23 22.98
CA SER A 210 9.79 24.85 21.77
C SER A 210 9.16 24.53 20.40
N ILE A 211 8.27 25.41 19.92
CA ILE A 211 7.69 25.23 18.58
C ILE A 211 8.82 25.06 17.54
N CYS A 212 8.64 24.20 16.53
CA CYS A 212 9.65 24.04 15.49
C CYS A 212 8.99 24.31 14.17
N GLN A 213 9.64 25.15 13.35
CA GLN A 213 9.09 25.48 12.04
C GLN A 213 10.06 26.19 11.12
N SER A 214 11.26 25.62 10.98
CA SER A 214 12.30 26.16 10.13
C SER A 214 13.25 24.99 9.82
N ASP A 215 13.71 24.90 8.57
CA ASP A 215 14.58 23.79 8.19
C ASP A 215 15.98 23.85 8.74
N GLU A 216 16.35 22.90 9.57
CA GLU A 216 17.68 22.92 10.15
C GLU A 216 18.83 22.77 9.19
N GLY A 217 18.77 21.71 8.41
CA GLY A 217 19.81 21.38 7.47
C GLY A 217 20.41 22.48 6.64
N PRO A 218 19.58 23.38 6.07
CA PRO A 218 20.08 24.48 5.25
C PRO A 218 20.71 25.61 6.07
N ARG A 219 22.03 25.57 6.17
CA ARG A 219 22.70 26.60 6.90
C ARG A 219 24.08 26.82 6.33
N PRO A 220 24.12 27.49 5.18
CA PRO A 220 25.35 27.84 4.45
C PRO A 220 25.87 29.24 4.83
N GLN A 248 20.88 14.09 3.45
CA GLN A 248 20.82 14.34 4.93
C GLN A 248 19.76 13.52 5.66
N VAL A 249 20.20 12.77 6.65
CA VAL A 249 19.30 11.95 7.47
C VAL A 249 18.39 12.96 8.15
N SER A 250 17.08 12.74 8.12
CA SER A 250 16.13 13.68 8.70
C SER A 250 14.85 13.02 9.10
N ASP A 251 13.98 13.82 9.68
CA ASP A 251 12.70 13.37 10.16
C ASP A 251 11.73 14.44 9.70
N GLY A 252 10.59 14.03 9.20
CA GLY A 252 9.62 15.00 8.73
C GLY A 252 8.33 14.31 8.39
N VAL A 253 7.28 15.11 8.20
CA VAL A 253 5.95 14.66 7.87
C VAL A 253 5.55 15.45 6.63
N ALA A 254 4.44 15.05 6.01
CA ALA A 254 3.93 15.76 4.86
C ALA A 254 2.51 15.25 4.57
N GLY A 255 1.61 16.14 4.16
CA GLY A 255 0.23 15.78 3.86
C GLY A 255 -0.26 16.45 2.57
N VAL A 256 -1.14 15.73 1.84
CA VAL A 256 -1.72 16.20 0.57
C VAL A 256 -3.17 15.72 0.49
N LEU A 257 -4.09 16.68 0.36
CA LEU A 257 -5.51 16.38 0.32
C LEU A 257 -6.21 16.41 -1.05
N LEU A 258 -6.16 15.31 -1.80
CA LEU A 258 -6.78 15.26 -3.13
C LEU A 258 -8.29 15.17 -3.03
N ALA A 259 -8.95 15.54 -4.12
CA ALA A 259 -10.41 15.49 -4.25
C ALA A 259 -10.78 15.58 -5.74
N ARG A 260 -11.91 15.01 -6.14
CA ARG A 260 -12.32 15.09 -7.54
C ARG A 260 -12.70 16.56 -7.74
N ARG A 261 -12.40 17.10 -8.93
CA ARG A 261 -12.71 18.49 -9.19
C ARG A 261 -14.19 18.75 -8.93
N SER A 262 -15.04 17.98 -9.60
CA SER A 262 -16.50 18.09 -9.44
C SER A 262 -16.93 18.25 -7.98
N VAL A 263 -16.27 17.47 -7.11
CA VAL A 263 -16.55 17.47 -5.69
C VAL A 263 -16.07 18.75 -5.03
N ALA A 264 -14.89 19.23 -5.41
CA ALA A 264 -14.34 20.44 -4.84
C ALA A 264 -15.26 21.63 -5.08
N ASN A 265 -15.71 21.78 -6.31
CA ASN A 265 -16.60 22.87 -6.69
C ASN A 265 -17.97 22.78 -5.97
N GLN A 266 -18.28 21.59 -5.50
CA GLN A 266 -19.53 21.30 -4.81
C GLN A 266 -19.52 21.76 -3.36
N LEU A 267 -18.37 21.57 -2.72
CA LEU A 267 -18.20 21.91 -1.31
C LEU A 267 -17.56 23.28 -1.11
N ASN A 268 -17.37 24.03 -2.18
CA ASN A 268 -16.76 25.36 -2.09
C ASN A 268 -15.32 25.26 -1.55
N LEU A 269 -14.51 24.40 -2.14
CA LEU A 269 -13.13 24.23 -1.67
C LEU A 269 -12.05 24.92 -2.51
N PRO A 270 -10.95 25.36 -1.88
CA PRO A 270 -9.84 26.02 -2.58
C PRO A 270 -9.15 24.96 -3.43
N VAL A 271 -8.40 25.36 -4.45
CA VAL A 271 -7.74 24.37 -5.31
C VAL A 271 -6.30 24.82 -5.67
N LEU A 272 -5.31 24.23 -5.01
CA LEU A 272 -3.93 24.61 -5.28
C LEU A 272 -3.42 24.14 -6.62
N GLY A 273 -3.99 23.05 -7.17
CA GLY A 273 -3.53 22.50 -8.44
C GLY A 273 -4.11 21.15 -8.84
N ARG A 274 -3.34 20.36 -9.61
CA ARG A 274 -3.82 19.06 -10.11
C ARG A 274 -2.80 17.99 -10.31
N TYR A 275 -3.26 16.77 -10.07
CA TYR A 275 -2.49 15.56 -10.25
C TYR A 275 -2.73 15.12 -11.70
N ILE A 276 -1.67 14.95 -12.48
CA ILE A 276 -1.82 14.54 -13.88
C ILE A 276 -1.60 13.04 -14.03
N ASP A 277 -0.39 12.61 -13.77
CA ASP A 277 -0.04 11.21 -13.89
C ASP A 277 1.01 10.84 -12.83
N PHE A 278 1.42 9.58 -12.84
CA PHE A 278 2.43 9.04 -11.95
C PHE A 278 2.89 7.78 -12.69
N GLN A 279 4.16 7.43 -12.58
CA GLN A 279 4.62 6.22 -13.23
C GLN A 279 5.81 5.69 -12.45
N THR A 280 5.94 4.36 -12.40
CA THR A 280 7.02 3.72 -11.68
C THR A 280 7.71 2.78 -12.62
N VAL A 281 9.00 2.59 -12.45
CA VAL A 281 9.70 1.66 -13.30
C VAL A 281 10.88 1.04 -12.55
N GLY A 282 10.96 -0.29 -12.56
CA GLY A 282 12.06 -0.96 -11.89
C GLY A 282 13.35 -0.47 -12.51
N VAL A 283 14.49 -0.76 -11.91
CA VAL A 283 15.79 -0.31 -12.41
C VAL A 283 16.83 -1.20 -11.72
N PRO A 284 18.02 -1.43 -12.34
CA PRO A 284 18.99 -2.29 -11.66
C PRO A 284 19.29 -1.78 -10.26
N PRO A 285 19.16 -2.65 -9.25
CA PRO A 285 19.44 -2.23 -7.87
C PRO A 285 20.86 -1.74 -7.62
N GLU A 286 21.80 -2.17 -8.44
CA GLU A 286 23.19 -1.77 -8.30
C GLU A 286 23.43 -0.28 -8.70
N ILE A 287 22.47 0.30 -9.41
CA ILE A 287 22.54 1.68 -9.86
C ILE A 287 21.16 2.33 -9.67
N MET A 288 20.51 1.95 -8.58
CA MET A 288 19.20 2.44 -8.19
C MET A 288 18.99 3.91 -8.51
N GLY A 289 20.04 4.69 -8.36
CA GLY A 289 19.98 6.12 -8.59
C GLY A 289 19.49 6.57 -9.96
N VAL A 290 19.85 5.81 -10.99
CA VAL A 290 19.48 6.14 -12.35
C VAL A 290 17.97 6.09 -12.57
N GLY A 291 17.23 5.80 -11.51
CA GLY A 291 15.77 5.71 -11.62
C GLY A 291 14.96 6.86 -12.20
N PRO A 292 15.34 8.11 -11.92
CA PRO A 292 14.60 9.26 -12.46
C PRO A 292 14.78 9.40 -13.97
N ALA A 293 15.93 8.93 -14.47
CA ALA A 293 16.22 9.00 -15.90
C ALA A 293 15.20 8.18 -16.73
N TYR A 294 14.65 7.14 -16.11
CA TYR A 294 13.67 6.25 -16.74
C TYR A 294 12.24 6.58 -16.40
N ALA A 295 11.95 6.96 -15.16
CA ALA A 295 10.55 7.28 -14.82
C ALA A 295 10.04 8.58 -15.43
N ILE A 296 10.94 9.54 -15.68
CA ILE A 296 10.50 10.80 -16.28
C ILE A 296 10.01 10.58 -17.71
N PRO A 297 10.85 9.97 -18.59
CA PRO A 297 10.41 9.72 -19.98
C PRO A 297 9.03 9.04 -19.95
N LYS A 298 8.98 7.93 -19.23
CA LYS A 298 7.78 7.12 -19.05
C LYS A 298 6.52 7.89 -18.66
N VAL A 299 6.63 8.79 -17.69
CA VAL A 299 5.44 9.56 -17.29
C VAL A 299 5.17 10.67 -18.30
N LEU A 300 6.22 11.16 -18.94
CA LEU A 300 6.04 12.18 -19.97
C LEU A 300 5.28 11.46 -21.09
N GLU A 301 5.86 10.37 -21.59
CA GLU A 301 5.32 9.50 -22.63
C GLU A 301 3.85 9.17 -22.36
N ALA A 302 3.57 8.68 -21.16
CA ALA A 302 2.21 8.35 -20.78
C ALA A 302 1.32 9.56 -20.95
N THR A 303 1.91 10.76 -20.91
CA THR A 303 1.11 11.99 -21.02
C THR A 303 1.20 12.73 -22.36
N GLY A 304 2.24 12.46 -23.12
CA GLY A 304 2.40 13.14 -24.37
C GLY A 304 3.36 14.30 -24.19
N LEU A 305 3.51 14.80 -22.95
CA LEU A 305 4.41 15.91 -22.71
C LEU A 305 5.84 15.53 -23.09
N GLN A 306 6.71 16.54 -23.14
CA GLN A 306 8.13 16.36 -23.44
C GLN A 306 8.91 17.09 -22.34
N VAL A 307 10.22 16.88 -22.28
CA VAL A 307 11.08 17.54 -21.30
C VAL A 307 10.91 19.06 -21.36
N GLN A 308 10.99 19.61 -22.58
CA GLN A 308 10.85 21.06 -22.76
C GLN A 308 9.45 21.57 -22.53
N ASP A 309 8.55 20.72 -22.08
CA ASP A 309 7.21 21.19 -21.80
C ASP A 309 7.11 21.35 -20.30
N ILE A 310 8.17 20.96 -19.61
CA ILE A 310 8.18 21.04 -18.16
C ILE A 310 8.90 22.27 -17.62
N ASP A 311 8.18 23.01 -16.78
CA ASP A 311 8.69 24.21 -16.12
C ASP A 311 9.65 23.94 -14.96
N ILE A 312 9.14 23.28 -13.92
CA ILE A 312 9.91 22.92 -12.72
C ILE A 312 10.16 21.41 -12.65
N PHE A 313 11.38 21.03 -12.31
CA PHE A 313 11.76 19.61 -12.20
C PHE A 313 12.24 19.33 -10.79
N GLU A 314 11.32 19.05 -9.88
CA GLU A 314 11.67 18.74 -8.51
C GLU A 314 12.23 17.33 -8.42
N ILE A 315 13.45 17.12 -8.90
CA ILE A 315 14.11 15.82 -8.84
C ILE A 315 14.80 15.65 -7.49
N ASN A 316 14.31 14.74 -6.66
CA ASN A 316 14.91 14.51 -5.34
C ASN A 316 16.42 14.24 -5.37
N GLU A 317 17.18 15.04 -4.64
CA GLU A 317 18.62 14.84 -4.62
C GLU A 317 18.96 13.85 -3.54
N ALA A 318 19.02 12.58 -3.89
CA ALA A 318 19.36 11.59 -2.88
C ALA A 318 20.87 11.60 -2.75
N PHE A 319 21.54 12.04 -3.80
CA PHE A 319 22.99 12.13 -3.86
C PHE A 319 23.26 13.03 -5.08
N ALA A 320 24.36 13.79 -5.05
CA ALA A 320 24.70 14.70 -6.15
C ALA A 320 25.17 13.96 -7.37
N ALA A 321 25.91 12.86 -7.15
CA ALA A 321 26.41 12.04 -8.24
C ALA A 321 25.22 11.54 -9.06
N GLN A 322 24.23 11.01 -8.34
CA GLN A 322 23.01 10.47 -8.92
C GLN A 322 22.21 11.52 -9.67
N ALA A 323 21.63 12.46 -8.93
CA ALA A 323 20.80 13.55 -9.50
C ALA A 323 21.43 14.22 -10.73
N LEU A 324 22.75 14.31 -10.74
CA LEU A 324 23.46 14.93 -11.84
C LEU A 324 23.17 14.18 -13.11
N TYR A 325 23.34 12.86 -13.01
CA TYR A 325 23.15 11.93 -14.11
C TYR A 325 21.79 12.09 -14.75
N CYS A 326 20.74 11.92 -13.97
CA CYS A 326 19.38 12.08 -14.49
C CYS A 326 19.27 13.40 -15.22
N ILE A 327 19.73 14.46 -14.56
CA ILE A 327 19.71 15.81 -15.11
C ILE A 327 20.32 15.80 -16.51
N HIS A 328 21.57 15.37 -16.56
CA HIS A 328 22.31 15.30 -17.80
C HIS A 328 21.67 14.43 -18.85
N LYS A 329 21.51 13.14 -18.54
CA LYS A 329 20.88 12.19 -19.45
C LYS A 329 19.63 12.81 -20.05
N LEU A 330 18.76 13.34 -19.21
CA LEU A 330 17.53 13.94 -19.67
C LEU A 330 17.62 15.26 -20.42
N GLY A 331 18.75 15.94 -20.31
CA GLY A 331 18.91 17.23 -20.99
C GLY A 331 18.01 18.25 -20.35
N ILE A 332 18.22 18.49 -19.06
CA ILE A 332 17.40 19.46 -18.35
C ILE A 332 18.10 20.79 -18.06
N ASP A 333 17.35 21.87 -18.18
CA ASP A 333 17.86 23.19 -17.90
C ASP A 333 17.91 23.27 -16.38
N LEU A 334 19.13 23.43 -15.85
CA LEU A 334 19.35 23.51 -14.40
C LEU A 334 18.57 24.61 -13.75
N ASN A 335 18.27 25.68 -14.45
CA ASN A 335 17.50 26.75 -13.84
C ASN A 335 16.14 26.22 -13.43
N LYS A 336 15.77 25.09 -14.03
CA LYS A 336 14.47 24.43 -13.77
C LYS A 336 14.55 23.34 -12.67
N VAL A 337 15.76 22.82 -12.41
CA VAL A 337 15.93 21.77 -11.41
C VAL A 337 16.19 22.20 -9.99
N ASN A 338 15.24 21.89 -9.11
CA ASN A 338 15.35 22.19 -7.68
C ASN A 338 15.69 23.64 -7.40
N PRO A 339 14.81 24.55 -7.83
CA PRO A 339 14.90 26.01 -7.68
C PRO A 339 15.23 26.49 -6.25
N ARG A 340 14.42 26.06 -5.28
CA ARG A 340 14.61 26.44 -3.89
C ARG A 340 15.56 25.43 -3.18
N GLY A 341 16.51 24.84 -3.91
CA GLY A 341 17.44 23.89 -3.31
C GLY A 341 16.87 22.49 -3.14
N GLY A 342 17.68 21.55 -2.64
CA GLY A 342 17.21 20.18 -2.49
C GLY A 342 17.37 19.47 -1.16
N ALA A 343 17.43 18.14 -1.20
CA ALA A 343 17.58 17.32 0.01
C ALA A 343 19.00 17.28 0.52
N ILE A 344 19.93 17.71 -0.33
CA ILE A 344 21.33 17.75 0.03
C ILE A 344 21.45 18.80 1.15
N ALA A 345 20.55 19.77 1.13
CA ALA A 345 20.55 20.80 2.13
C ALA A 345 19.43 20.52 3.10
N LEU A 346 18.23 20.39 2.58
CA LEU A 346 17.01 20.15 3.34
C LEU A 346 16.88 18.79 4.11
N GLY A 347 17.49 17.74 3.55
CA GLY A 347 17.37 16.42 4.14
C GLY A 347 16.36 15.57 3.38
N HIS A 348 16.45 14.25 3.59
CA HIS A 348 15.54 13.31 2.91
C HIS A 348 14.89 12.33 3.88
N PRO A 349 13.86 12.75 4.64
CA PRO A 349 13.15 11.89 5.61
C PRO A 349 12.38 10.86 4.88
N LEU A 350 13.10 9.85 4.40
CA LEU A 350 12.60 8.72 3.59
C LEU A 350 11.15 8.69 3.06
N GLY A 351 10.18 8.38 3.91
CA GLY A 351 8.82 8.29 3.45
C GLY A 351 8.04 9.57 3.37
N CYS A 352 8.64 10.63 3.87
CA CYS A 352 7.99 11.93 3.87
C CYS A 352 8.23 12.68 2.55
N THR A 353 9.48 12.60 2.10
CA THR A 353 9.96 13.25 0.89
C THR A 353 8.97 13.38 -0.27
N GLY A 354 8.46 12.25 -0.74
CA GLY A 354 7.53 12.26 -1.85
C GLY A 354 6.40 13.23 -1.62
N ALA A 355 5.82 13.18 -0.42
CA ALA A 355 4.70 14.08 -0.08
C ALA A 355 5.21 15.52 0.15
N ARG A 356 6.51 15.67 0.43
CA ARG A 356 7.14 16.98 0.70
C ARG A 356 7.32 17.77 -0.59
N GLN A 357 8.01 17.11 -1.54
CA GLN A 357 8.28 17.64 -2.87
C GLN A 357 7.02 18.21 -3.54
N VAL A 358 5.86 17.66 -3.22
CA VAL A 358 4.64 18.12 -3.82
C VAL A 358 4.31 19.50 -3.27
N ALA A 359 4.52 19.67 -1.94
CA ALA A 359 4.25 20.92 -1.18
C ALA A 359 5.17 21.99 -1.72
N THR A 360 6.46 21.65 -1.76
CA THR A 360 7.47 22.54 -2.28
C THR A 360 7.12 23.01 -3.73
N ILE A 361 6.98 22.04 -4.64
CA ILE A 361 6.68 22.29 -6.07
C ILE A 361 5.45 23.13 -6.28
N LEU A 362 4.41 22.88 -5.51
CA LEU A 362 3.18 23.63 -5.67
C LEU A 362 3.33 25.11 -5.36
N ARG A 363 4.44 25.51 -4.73
CA ARG A 363 4.67 26.94 -4.47
C ARG A 363 5.59 27.51 -5.56
N GLU A 364 6.58 26.72 -5.97
CA GLU A 364 7.48 27.11 -7.04
C GLU A 364 6.75 27.25 -8.39
N LEU A 365 5.52 26.78 -8.50
CA LEU A 365 4.82 26.85 -9.79
C LEU A 365 3.73 27.91 -9.86
N LYS A 366 3.71 28.63 -10.98
CA LYS A 366 2.72 29.67 -11.19
C LYS A 366 1.51 29.14 -11.95
N LYS A 367 0.37 29.75 -11.68
CA LYS A 367 -0.88 29.37 -12.31
C LYS A 367 -0.66 28.91 -13.73
N ASP A 368 -1.02 27.64 -13.96
CA ASP A 368 -0.93 26.94 -15.25
C ASP A 368 0.41 26.40 -15.69
N GLN A 369 1.34 26.29 -14.74
CA GLN A 369 2.66 25.74 -15.04
C GLN A 369 2.64 24.24 -14.74
N ILE A 370 3.46 23.48 -15.44
CA ILE A 370 3.56 22.03 -15.29
C ILE A 370 4.93 21.77 -14.74
N GLY A 371 4.99 20.87 -13.75
CA GLY A 371 6.27 20.48 -13.15
C GLY A 371 6.25 19.02 -12.75
N VAL A 372 7.41 18.37 -12.65
CA VAL A 372 7.44 16.97 -12.25
C VAL A 372 8.19 16.73 -10.93
N VAL A 373 7.91 15.59 -10.29
CA VAL A 373 8.54 15.16 -9.05
C VAL A 373 9.08 13.73 -9.24
N SER A 374 10.39 13.58 -9.38
CA SER A 374 10.97 12.27 -9.59
C SER A 374 11.91 12.04 -8.42
N MET A 375 12.30 10.77 -8.24
CA MET A 375 13.20 10.36 -7.17
C MET A 375 13.62 8.96 -7.52
N CYS A 376 14.85 8.56 -7.21
CA CYS A 376 15.23 7.19 -7.49
C CYS A 376 14.70 6.44 -6.29
N ILE A 377 14.48 5.12 -6.41
CA ILE A 377 13.93 4.39 -5.29
C ILE A 377 14.81 3.26 -4.81
N GLY A 378 14.80 3.08 -3.51
CA GLY A 378 15.59 2.08 -2.84
C GLY A 378 16.08 0.81 -3.47
N THR A 379 15.27 -0.22 -3.40
CA THR A 379 15.70 -1.52 -3.90
C THR A 379 15.83 -1.67 -5.44
N GLY A 380 15.88 -0.52 -6.12
CA GLY A 380 16.02 -0.53 -7.56
C GLY A 380 14.75 -0.14 -8.28
N MET A 381 14.40 1.14 -8.19
CA MET A 381 13.20 1.64 -8.86
C MET A 381 13.34 3.14 -9.15
N GLY A 382 12.26 3.72 -9.68
CA GLY A 382 12.24 5.13 -10.00
C GLY A 382 10.79 5.54 -10.23
N ALA A 383 10.36 6.66 -9.64
CA ALA A 383 9.01 7.14 -9.79
C ALA A 383 9.07 8.57 -10.33
N ALA A 384 7.90 9.08 -10.71
CA ALA A 384 7.79 10.44 -11.24
C ALA A 384 6.32 10.81 -11.38
N ALA A 385 5.96 12.03 -10.98
CA ALA A 385 4.59 12.46 -11.12
C ALA A 385 4.63 13.81 -11.82
N ILE A 386 3.47 14.24 -12.31
CA ILE A 386 3.29 15.48 -13.07
C ILE A 386 2.11 16.22 -12.50
N PHE A 387 2.33 17.48 -12.15
CA PHE A 387 1.28 18.30 -11.57
C PHE A 387 1.12 19.56 -12.41
N ILE A 388 -0.04 20.19 -12.30
CA ILE A 388 -0.34 21.42 -13.01
C ILE A 388 -0.85 22.40 -11.94
N LYS A 389 -0.53 23.68 -12.05
CA LYS A 389 -0.99 24.66 -11.06
C LYS A 389 -2.35 25.16 -11.50
N GLU A 390 -3.39 24.76 -10.75
CA GLU A 390 -4.82 25.08 -10.99
C GLU A 390 -5.64 23.92 -11.61
N LEU B 1 -23.91 -7.01 -15.62
CA LEU B 1 -22.75 -7.28 -14.72
C LEU B 1 -22.07 -8.59 -15.10
N LEU B 2 -22.85 -9.52 -15.64
CA LEU B 2 -22.30 -10.80 -16.07
C LEU B 2 -21.80 -10.73 -17.51
N GLU B 3 -21.96 -9.53 -18.08
CA GLU B 3 -21.57 -9.19 -19.45
C GLU B 3 -20.06 -8.93 -19.43
N LYS B 4 -19.29 -9.70 -20.20
CA LYS B 4 -17.84 -9.54 -20.22
C LYS B 4 -17.45 -8.41 -21.14
N ARG B 5 -17.03 -7.28 -20.57
CA ARG B 5 -16.60 -6.17 -21.40
C ARG B 5 -15.10 -6.27 -21.51
N PRO B 6 -14.50 -5.65 -22.55
CA PRO B 6 -13.04 -5.73 -22.72
C PRO B 6 -12.22 -4.93 -21.73
N GLU B 7 -12.93 -4.13 -20.92
CA GLU B 7 -12.24 -3.35 -19.90
C GLU B 7 -12.41 -3.95 -18.48
N ASP B 8 -12.60 -5.26 -18.39
CA ASP B 8 -12.75 -5.93 -17.10
C ASP B 8 -11.41 -6.25 -16.49
N VAL B 9 -11.35 -6.25 -15.15
CA VAL B 9 -10.12 -6.67 -14.44
C VAL B 9 -10.35 -8.18 -14.25
N VAL B 10 -9.51 -8.94 -14.93
CA VAL B 10 -9.59 -10.38 -14.99
C VAL B 10 -8.54 -11.12 -14.16
N ILE B 11 -8.94 -12.17 -13.44
CA ILE B 11 -8.02 -13.00 -12.62
C ILE B 11 -7.48 -14.15 -13.48
N VAL B 12 -6.20 -14.16 -13.75
CA VAL B 12 -5.61 -15.20 -14.60
C VAL B 12 -5.16 -16.45 -13.83
N ALA B 13 -4.71 -16.25 -12.59
CA ALA B 13 -4.19 -17.32 -11.76
C ALA B 13 -4.34 -16.88 -10.34
N ALA B 14 -4.71 -17.78 -9.44
CA ALA B 14 -4.81 -17.40 -8.05
C ALA B 14 -4.37 -18.64 -7.29
N ASN B 15 -3.21 -18.58 -6.63
CA ASN B 15 -2.70 -19.72 -5.89
C ASN B 15 -2.26 -19.35 -4.46
N ARG B 16 -2.14 -20.34 -3.60
CA ARG B 16 -1.74 -20.11 -2.22
C ARG B 16 -0.97 -21.33 -1.78
N SER B 17 -0.31 -21.21 -0.65
CA SER B 17 0.43 -22.36 -0.17
C SER B 17 -0.46 -23.05 0.87
N ALA B 18 0.03 -24.17 1.40
CA ALA B 18 -0.67 -24.86 2.45
C ALA B 18 -0.42 -23.93 3.69
N ILE B 19 -1.42 -23.63 4.51
CA ILE B 19 -1.18 -22.77 5.65
C ILE B 19 -0.62 -23.61 6.78
N GLY B 20 0.64 -23.35 7.18
CA GLY B 20 1.27 -24.09 8.28
C GLY B 20 0.84 -23.62 9.68
N LYS B 21 1.26 -24.32 10.74
CA LYS B 21 0.91 -23.90 12.11
C LYS B 21 1.97 -22.95 12.73
N GLY B 22 1.51 -21.85 13.32
CA GLY B 22 2.42 -20.91 13.94
C GLY B 22 3.17 -21.57 15.09
N PHE B 23 4.46 -21.33 15.16
CA PHE B 23 5.31 -21.86 16.21
C PHE B 23 5.58 -23.32 16.04
N LYS B 24 4.54 -24.14 16.00
CA LYS B 24 4.72 -25.59 15.85
C LYS B 24 4.93 -26.05 14.38
N GLY B 25 4.12 -25.47 13.48
CA GLY B 25 4.14 -25.75 12.05
C GLY B 25 5.35 -26.13 11.21
N ALA B 26 5.06 -26.36 9.93
CA ALA B 26 6.03 -26.77 8.90
C ALA B 26 6.97 -25.66 8.53
N PHE B 27 6.46 -24.44 8.69
CA PHE B 27 7.17 -23.22 8.35
C PHE B 27 8.00 -22.56 9.43
N LYS B 28 7.80 -22.98 10.68
CA LYS B 28 8.47 -22.40 11.84
C LYS B 28 9.92 -21.95 11.66
N ASP B 29 10.74 -22.75 11.00
CA ASP B 29 12.15 -22.39 10.81
C ASP B 29 12.42 -21.54 9.56
N VAL B 30 11.37 -20.93 9.01
CA VAL B 30 11.43 -20.13 7.78
C VAL B 30 10.63 -18.80 7.86
N ASN B 31 11.14 -17.77 7.17
CA ASN B 31 10.50 -16.45 7.21
C ASN B 31 9.86 -16.11 5.86
N THR B 32 9.09 -15.01 5.83
CA THR B 32 8.37 -14.56 4.63
C THR B 32 9.21 -14.51 3.36
N ASP B 33 10.50 -14.28 3.50
CA ASP B 33 11.39 -14.21 2.35
C ASP B 33 11.58 -15.55 1.61
N TYR B 34 11.70 -16.66 2.35
CA TYR B 34 11.87 -17.98 1.78
C TYR B 34 10.47 -18.43 1.37
N LEU B 35 9.47 -18.15 2.20
CA LEU B 35 8.13 -18.57 1.82
C LEU B 35 7.83 -17.96 0.45
N LEU B 36 8.00 -16.63 0.34
CA LEU B 36 7.73 -15.88 -0.91
C LEU B 36 8.54 -16.31 -2.10
N TYR B 37 9.84 -16.46 -1.92
CA TYR B 37 10.73 -16.88 -2.99
C TYR B 37 10.13 -18.12 -3.60
N ASN B 38 9.94 -19.13 -2.74
CA ASN B 38 9.41 -20.44 -3.10
C ASN B 38 8.04 -20.49 -3.70
N PHE B 39 7.09 -19.83 -3.09
CA PHE B 39 5.75 -19.81 -3.65
C PHE B 39 5.84 -19.26 -5.05
N LEU B 40 6.60 -18.17 -5.23
CA LEU B 40 6.78 -17.52 -6.53
C LEU B 40 7.31 -18.51 -7.57
N ASN B 41 8.40 -19.20 -7.26
CA ASN B 41 8.91 -20.19 -8.19
C ASN B 41 7.82 -21.18 -8.62
N GLU B 42 6.92 -21.56 -7.71
CA GLU B 42 5.87 -22.49 -8.05
C GLU B 42 4.88 -21.80 -8.96
N PHE B 43 4.37 -20.67 -8.47
CA PHE B 43 3.36 -19.86 -9.17
C PHE B 43 3.71 -19.56 -10.63
N ILE B 44 5.00 -19.30 -10.86
CA ILE B 44 5.50 -18.96 -12.19
C ILE B 44 5.45 -20.09 -13.20
N GLY B 45 5.71 -21.31 -12.74
CA GLY B 45 5.65 -22.48 -13.60
C GLY B 45 4.19 -22.68 -13.99
N ARG B 46 3.29 -22.34 -13.07
CA ARG B 46 1.85 -22.44 -13.28
C ARG B 46 1.39 -21.31 -14.22
N PHE B 47 2.34 -20.55 -14.75
CA PHE B 47 2.00 -19.41 -15.63
C PHE B 47 1.93 -19.73 -17.12
N PRO B 48 0.94 -19.16 -17.83
CA PRO B 48 0.76 -19.37 -19.27
C PRO B 48 2.07 -19.02 -19.96
N GLU B 49 2.40 -19.74 -21.03
CA GLU B 49 3.63 -19.54 -21.76
C GLU B 49 4.02 -18.12 -22.21
N PRO B 50 3.09 -17.32 -22.72
CA PRO B 50 3.64 -16.01 -23.08
C PRO B 50 4.15 -15.21 -21.88
N LEU B 51 3.52 -15.37 -20.71
CA LEU B 51 3.97 -14.68 -19.49
C LEU B 51 5.37 -15.13 -19.11
N ARG B 52 5.51 -16.34 -18.59
CA ARG B 52 6.84 -16.83 -18.21
C ARG B 52 7.92 -16.61 -19.26
N ALA B 53 7.48 -16.37 -20.48
CA ALA B 53 8.41 -16.15 -21.54
C ALA B 53 9.03 -14.77 -21.27
N ASP B 54 8.19 -13.81 -20.93
CA ASP B 54 8.64 -12.47 -20.67
C ASP B 54 8.01 -11.99 -19.37
N LEU B 55 8.71 -12.27 -18.26
CA LEU B 55 8.20 -11.90 -16.94
C LEU B 55 8.07 -10.42 -16.74
N ASN B 56 8.81 -9.66 -17.55
CA ASN B 56 8.70 -8.22 -17.45
C ASN B 56 7.40 -7.77 -18.11
N LEU B 57 6.41 -8.65 -18.13
CA LEU B 57 5.12 -8.33 -18.68
C LEU B 57 4.28 -8.04 -17.45
N ILE B 58 4.80 -8.38 -16.27
CA ILE B 58 4.08 -8.09 -15.02
C ILE B 58 4.56 -6.69 -14.65
N GLU B 59 3.68 -5.71 -14.73
CA GLU B 59 4.13 -4.37 -14.43
C GLU B 59 3.89 -3.85 -13.04
N GLU B 60 3.85 -4.74 -12.04
CA GLU B 60 3.64 -4.32 -10.65
C GLU B 60 3.40 -5.45 -9.68
N VAL B 61 4.04 -5.35 -8.54
CA VAL B 61 3.89 -6.36 -7.50
C VAL B 61 3.55 -5.73 -6.17
N ALA B 62 2.27 -5.75 -5.82
CA ALA B 62 1.80 -5.25 -4.55
C ALA B 62 1.85 -6.47 -3.62
N CYS B 63 2.56 -6.34 -2.49
CA CYS B 63 2.70 -7.40 -1.51
C CYS B 63 2.24 -6.91 -0.11
N GLY B 64 1.17 -7.52 0.41
CA GLY B 64 0.60 -7.15 1.71
C GLY B 64 1.35 -7.81 2.83
N ASN B 65 1.52 -7.11 3.95
CA ASN B 65 2.27 -7.69 5.06
C ASN B 65 2.05 -6.82 6.26
N VAL B 66 1.82 -7.47 7.39
CA VAL B 66 1.48 -6.81 8.63
C VAL B 66 2.54 -6.75 9.72
N LEU B 67 3.45 -7.70 9.73
CA LEU B 67 4.40 -7.75 10.82
C LEU B 67 5.89 -7.49 10.57
N ASN B 68 6.30 -7.42 9.32
CA ASN B 68 7.71 -7.21 9.07
C ASN B 68 8.05 -5.74 9.28
N VAL B 69 9.33 -5.48 9.43
CA VAL B 69 9.80 -4.11 9.56
C VAL B 69 9.48 -3.48 8.19
N GLY B 70 8.69 -2.41 8.21
CA GLY B 70 8.31 -1.76 6.98
C GLY B 70 7.46 -2.61 6.05
N ALA B 71 6.79 -3.64 6.58
CA ALA B 71 5.95 -4.52 5.76
C ALA B 71 6.76 -5.34 4.75
N GLY B 72 8.00 -5.67 5.12
CA GLY B 72 8.84 -6.50 4.31
C GLY B 72 9.26 -6.09 2.94
N ALA B 73 9.09 -4.83 2.58
CA ALA B 73 9.45 -4.39 1.25
C ALA B 73 10.84 -4.70 0.70
N THR B 74 11.87 -4.71 1.51
CA THR B 74 13.18 -4.99 0.92
C THR B 74 13.38 -6.46 0.70
N GLU B 75 12.90 -7.25 1.66
CA GLU B 75 13.07 -8.69 1.56
C GLU B 75 12.12 -9.29 0.56
N HIS B 76 10.93 -8.74 0.47
CA HIS B 76 9.98 -9.28 -0.47
C HIS B 76 10.35 -8.99 -1.92
N ARG B 77 10.99 -7.84 -2.13
CA ARG B 77 11.42 -7.43 -3.45
C ARG B 77 12.66 -8.22 -3.85
N ALA B 78 13.45 -8.64 -2.87
CA ALA B 78 14.66 -9.43 -3.17
C ALA B 78 14.20 -10.82 -3.58
N ALA B 79 13.16 -11.29 -2.88
CA ALA B 79 12.56 -12.60 -3.07
C ALA B 79 11.98 -12.72 -4.47
N CYS B 80 11.24 -11.69 -4.89
CA CYS B 80 10.70 -11.65 -6.23
C CYS B 80 11.92 -11.72 -7.15
N LEU B 81 12.91 -10.87 -6.87
CA LEU B 81 14.12 -10.82 -7.67
C LEU B 81 14.81 -12.18 -7.76
N ALA B 82 14.73 -12.99 -6.72
CA ALA B 82 15.35 -14.33 -6.82
C ALA B 82 14.47 -15.28 -7.65
N SER B 83 13.16 -15.11 -7.63
CA SER B 83 12.29 -15.98 -8.41
C SER B 83 12.08 -15.58 -9.87
N GLY B 84 13.07 -14.93 -10.47
CA GLY B 84 12.95 -14.54 -11.86
C GLY B 84 12.17 -13.30 -12.29
N ILE B 85 11.38 -12.67 -11.41
CA ILE B 85 10.63 -11.46 -11.81
C ILE B 85 11.66 -10.30 -12.01
N PRO B 86 11.88 -9.85 -13.27
CA PRO B 86 12.83 -8.80 -13.64
C PRO B 86 12.81 -7.50 -12.84
N TYR B 87 13.98 -6.88 -12.73
CA TYR B 87 14.12 -5.61 -12.01
C TYR B 87 13.21 -4.54 -12.56
N SER B 88 12.92 -4.69 -13.85
CA SER B 88 12.06 -3.79 -14.62
C SER B 88 10.67 -3.73 -14.03
N THR B 89 10.43 -4.54 -13.02
CA THR B 89 9.11 -4.54 -12.42
C THR B 89 9.01 -3.86 -11.06
N PRO B 90 8.29 -2.74 -10.99
CA PRO B 90 8.17 -2.09 -9.68
C PRO B 90 7.49 -3.07 -8.69
N PHE B 91 7.63 -2.77 -7.40
CA PHE B 91 7.12 -3.53 -6.26
C PHE B 91 6.58 -2.50 -5.22
N VAL B 92 5.47 -2.84 -4.54
CA VAL B 92 4.90 -1.98 -3.50
C VAL B 92 4.52 -2.84 -2.30
N ALA B 93 4.87 -2.37 -1.10
CA ALA B 93 4.57 -3.08 0.13
C ALA B 93 3.33 -2.39 0.65
N LEU B 94 2.41 -3.13 1.26
CA LEU B 94 1.16 -2.57 1.78
C LEU B 94 0.80 -3.29 3.07
N ASN B 95 0.12 -2.58 3.96
CA ASN B 95 -0.30 -3.16 5.20
C ASN B 95 -1.55 -2.48 5.62
N ARG B 96 -2.68 -3.16 5.40
CA ARG B 96 -3.95 -2.66 5.82
C ARG B 96 -4.42 -3.66 6.85
N GLN B 97 -3.48 -4.17 7.62
CA GLN B 97 -3.79 -5.12 8.66
C GLN B 97 -4.28 -6.49 8.11
N CYS B 98 -5.42 -6.95 8.60
CA CYS B 98 -5.98 -8.22 8.24
C CYS B 98 -6.40 -8.35 6.77
N SER B 99 -6.77 -7.22 6.16
CA SER B 99 -7.19 -7.18 4.76
C SER B 99 -6.06 -6.95 3.77
N SER B 100 -4.85 -6.68 4.28
CA SER B 100 -3.68 -6.41 3.46
C SER B 100 -3.62 -7.13 2.12
N GLY B 101 -3.79 -8.45 2.17
CA GLY B 101 -3.74 -9.30 0.97
C GLY B 101 -4.89 -9.05 0.01
N LEU B 102 -6.03 -8.63 0.52
CA LEU B 102 -7.20 -8.34 -0.30
C LEU B 102 -6.98 -6.94 -0.84
N THR B 103 -6.21 -6.14 -0.13
CA THR B 103 -5.97 -4.79 -0.57
C THR B 103 -4.86 -4.81 -1.59
N ALA B 104 -4.00 -5.83 -1.57
CA ALA B 104 -2.98 -5.89 -2.62
C ALA B 104 -3.74 -6.04 -3.95
N VAL B 105 -4.87 -6.73 -3.85
CA VAL B 105 -5.72 -6.97 -5.00
C VAL B 105 -6.36 -5.66 -5.47
N ASN B 106 -6.94 -4.87 -4.55
CA ASN B 106 -7.58 -3.61 -4.95
C ASN B 106 -6.55 -2.65 -5.54
N ASP B 107 -5.30 -2.79 -5.14
CA ASP B 107 -4.26 -1.89 -5.58
C ASP B 107 -3.99 -2.12 -7.03
N ILE B 108 -3.77 -3.37 -7.40
CA ILE B 108 -3.54 -3.72 -8.80
C ILE B 108 -4.84 -3.59 -9.61
N ALA B 109 -5.99 -3.87 -9.00
CA ALA B 109 -7.26 -3.75 -9.70
C ALA B 109 -7.39 -2.35 -10.30
N ASN B 110 -7.17 -1.35 -9.46
CA ASN B 110 -7.23 0.08 -9.79
C ASN B 110 -6.17 0.56 -10.79
N LYS B 111 -4.94 0.08 -10.64
CA LYS B 111 -3.89 0.53 -11.55
C LYS B 111 -4.20 0.13 -12.97
N ILE B 112 -4.55 -1.15 -13.13
CA ILE B 112 -4.92 -1.73 -14.42
C ILE B 112 -6.11 -0.94 -14.95
N LYS B 113 -7.10 -0.76 -14.09
CA LYS B 113 -8.32 -0.07 -14.42
C LYS B 113 -8.05 1.26 -14.94
N VAL B 114 -7.16 1.96 -14.26
CA VAL B 114 -6.82 3.32 -14.61
C VAL B 114 -5.80 3.36 -15.75
N GLY B 115 -5.30 2.23 -16.19
CA GLY B 115 -4.36 2.31 -17.29
C GLY B 115 -2.93 2.43 -16.86
N GLN B 116 -2.69 2.54 -15.57
CA GLN B 116 -1.32 2.67 -15.10
C GLN B 116 -0.54 1.44 -15.53
N ILE B 117 -1.17 0.26 -15.43
CA ILE B 117 -0.58 -1.02 -15.85
C ILE B 117 -1.67 -1.81 -16.58
N ASP B 118 -1.27 -2.98 -17.10
CA ASP B 118 -2.17 -3.92 -17.82
C ASP B 118 -2.28 -5.23 -17.05
N ILE B 119 -1.12 -5.78 -16.70
CA ILE B 119 -0.93 -7.02 -15.97
C ILE B 119 -0.21 -6.68 -14.65
N GLY B 120 -0.71 -7.22 -13.53
CA GLY B 120 -0.10 -6.99 -12.25
C GLY B 120 -0.40 -8.05 -11.20
N LEU B 121 0.65 -8.44 -10.48
CA LEU B 121 0.66 -9.44 -9.41
C LEU B 121 0.30 -8.97 -7.97
N ALA B 122 -0.73 -9.55 -7.35
CA ALA B 122 -1.05 -9.19 -5.98
C ALA B 122 -0.52 -10.31 -5.04
N LEU B 123 0.17 -9.97 -3.94
CA LEU B 123 0.67 -10.99 -3.04
C LEU B 123 0.21 -10.77 -1.60
N GLY B 124 0.50 -11.77 -0.76
CA GLY B 124 0.16 -11.75 0.65
C GLY B 124 1.06 -12.78 1.30
N VAL B 125 1.79 -12.39 2.34
CA VAL B 125 2.70 -13.27 3.05
C VAL B 125 2.50 -12.94 4.50
N GLU B 126 2.96 -13.85 5.35
CA GLU B 126 2.89 -13.75 6.79
C GLU B 126 3.57 -14.92 7.42
N SER B 127 4.52 -14.63 8.28
CA SER B 127 5.24 -15.65 8.98
C SER B 127 5.03 -15.26 10.42
N MET B 128 3.78 -15.35 10.90
CA MET B 128 3.45 -15.05 12.31
C MET B 128 4.43 -15.72 13.27
N THR B 129 4.84 -16.94 12.94
CA THR B 129 5.78 -17.65 13.77
C THR B 129 6.97 -16.74 14.09
N ASN B 130 7.85 -16.51 13.14
CA ASN B 130 9.01 -15.65 13.34
C ASN B 130 8.76 -14.10 13.45
N ASN B 131 7.53 -13.62 13.39
CA ASN B 131 7.36 -12.19 13.45
C ASN B 131 6.43 -11.57 14.45
N TYR B 132 5.70 -12.36 15.23
CA TYR B 132 4.83 -11.75 16.25
C TYR B 132 5.73 -11.09 17.28
N LYS B 133 7.00 -11.47 17.18
CA LYS B 133 8.15 -11.02 17.94
C LYS B 133 8.29 -9.48 17.95
N ASN B 134 7.70 -8.80 16.95
CA ASN B 134 7.76 -7.34 16.84
C ASN B 134 6.42 -6.68 16.56
N LYS B 148 -1.74 6.67 26.44
CA LYS B 148 -3.09 6.06 26.58
C LYS B 148 -4.16 7.13 26.88
N ASN B 149 -4.58 7.84 25.83
CA ASN B 149 -5.58 8.90 25.98
C ASN B 149 -6.67 8.86 24.90
N ARG B 150 -7.69 8.04 25.16
CA ARG B 150 -8.89 7.82 24.32
C ARG B 150 -8.66 7.66 22.82
N GLU B 151 -9.68 7.27 22.08
CA GLU B 151 -9.57 7.12 20.62
C GLU B 151 -8.32 6.37 20.18
N ALA B 152 -7.18 7.05 20.12
CA ALA B 152 -5.92 6.43 19.72
C ALA B 152 -5.53 5.34 20.72
N LYS B 153 -6.08 5.44 21.92
CA LYS B 153 -5.81 4.48 22.98
C LYS B 153 -6.38 3.10 22.68
N LYS B 154 -7.26 3.01 21.67
CA LYS B 154 -7.85 1.73 21.26
C LYS B 154 -6.79 0.92 20.49
N CYS B 155 -6.61 1.23 19.21
CA CYS B 155 -5.68 0.54 18.31
C CYS B 155 -4.73 -0.58 18.78
N LEU B 156 -4.58 -1.57 17.90
CA LEU B 156 -3.75 -2.78 18.06
C LEU B 156 -2.44 -2.61 18.81
N MET B 159 -7.01 -7.83 20.09
CA MET B 159 -7.99 -8.50 19.19
C MET B 159 -9.08 -9.26 19.96
N GLY B 160 -8.69 -10.33 20.67
CA GLY B 160 -9.64 -11.12 21.44
C GLY B 160 -10.67 -10.36 22.29
N ILE B 161 -10.23 -9.31 22.99
CA ILE B 161 -11.10 -8.50 23.85
C ILE B 161 -12.12 -7.72 23.03
N THR B 162 -11.76 -7.33 21.82
CA THR B 162 -12.72 -6.61 20.99
C THR B 162 -13.77 -7.65 20.61
N ASN B 163 -13.36 -8.92 20.66
CA ASN B 163 -14.27 -9.98 20.37
C ASN B 163 -15.17 -10.16 21.60
N GLU B 164 -14.56 -10.21 22.77
CA GLU B 164 -15.32 -10.36 24.00
C GLU B 164 -16.39 -9.30 24.16
N ASN B 165 -16.16 -8.14 23.56
CA ASN B 165 -17.10 -7.00 23.61
C ASN B 165 -18.45 -7.27 22.98
N ARG B 174 -21.54 -18.48 23.82
CA ARG B 174 -20.45 -19.48 23.63
C ARG B 174 -20.92 -20.80 22.96
N LYS B 175 -22.20 -21.15 23.13
CA LYS B 175 -22.75 -22.37 22.52
C LYS B 175 -22.68 -22.21 20.99
N ASP B 176 -23.25 -21.11 20.50
CA ASP B 176 -23.27 -20.77 19.08
C ASP B 176 -21.86 -20.63 18.51
N GLN B 177 -20.95 -20.09 19.31
CA GLN B 177 -19.56 -19.89 18.92
C GLN B 177 -18.79 -21.21 18.80
N ASP B 178 -19.04 -22.17 19.70
CA ASP B 178 -18.36 -23.46 19.61
C ASP B 178 -18.99 -24.27 18.51
N GLU B 179 -20.30 -24.09 18.36
CA GLU B 179 -21.06 -24.77 17.34
C GLU B 179 -20.40 -24.37 16.05
N PHE B 180 -20.25 -23.05 15.91
CA PHE B 180 -19.65 -22.43 14.75
C PHE B 180 -18.20 -22.86 14.52
N ALA B 181 -17.41 -22.93 15.57
CA ALA B 181 -16.00 -23.35 15.46
C ALA B 181 -15.85 -24.79 14.96
N ALA B 182 -16.78 -25.66 15.35
CA ALA B 182 -16.73 -27.06 14.95
C ALA B 182 -17.16 -27.27 13.50
N ASN B 183 -18.27 -26.65 13.10
CA ASN B 183 -18.73 -26.83 11.72
C ASN B 183 -17.67 -26.42 10.71
N SER B 184 -16.94 -25.34 11.00
CA SER B 184 -15.84 -24.87 10.13
C SER B 184 -14.80 -25.97 10.14
N TYR B 185 -14.47 -26.41 11.34
CA TYR B 185 -13.51 -27.47 11.53
C TYR B 185 -13.92 -28.77 10.78
N GLN B 186 -15.23 -29.03 10.71
CA GLN B 186 -15.77 -30.19 10.03
C GLN B 186 -15.76 -29.94 8.51
N LYS B 187 -16.18 -28.74 8.11
CA LYS B 187 -16.21 -28.37 6.69
C LYS B 187 -14.79 -28.36 6.10
N ALA B 188 -13.85 -27.93 6.93
CA ALA B 188 -12.44 -27.87 6.55
C ALA B 188 -11.82 -29.25 6.45
N TYR B 189 -12.25 -30.16 7.34
CA TYR B 189 -11.72 -31.52 7.31
C TYR B 189 -12.27 -32.33 6.14
N LYS B 190 -13.56 -32.16 5.88
CA LYS B 190 -14.20 -32.85 4.76
C LYS B 190 -13.39 -32.44 3.56
N ALA B 191 -13.44 -31.14 3.28
CA ALA B 191 -12.76 -30.53 2.14
C ALA B 191 -11.32 -30.96 2.03
N LYS B 192 -10.60 -30.92 3.14
CA LYS B 192 -9.21 -31.34 3.14
C LYS B 192 -9.12 -32.77 2.62
N ASN B 193 -9.84 -33.69 3.30
CA ASN B 193 -9.84 -35.11 2.98
C ASN B 193 -10.39 -35.47 1.59
N GLU B 194 -11.38 -34.72 1.11
CA GLU B 194 -11.97 -34.94 -0.20
C GLU B 194 -11.08 -34.42 -1.34
N GLY B 195 -9.90 -33.91 -1.01
CA GLY B 195 -8.96 -33.39 -2.00
C GLY B 195 -9.31 -31.99 -2.51
N LEU B 196 -10.38 -31.40 -1.96
CA LEU B 196 -10.87 -30.09 -2.38
C LEU B 196 -9.90 -28.90 -2.47
N PHE B 197 -8.84 -28.87 -1.68
CA PHE B 197 -7.89 -27.77 -1.73
C PHE B 197 -6.66 -28.11 -2.54
N GLU B 198 -6.65 -29.30 -3.14
CA GLU B 198 -5.49 -29.76 -3.93
C GLU B 198 -5.26 -28.95 -5.20
N ASP B 199 -6.24 -28.16 -5.58
CA ASP B 199 -6.08 -27.40 -6.79
C ASP B 199 -5.28 -26.15 -6.52
N GLU B 200 -5.85 -25.33 -5.65
CA GLU B 200 -5.32 -24.04 -5.20
C GLU B 200 -4.02 -24.01 -4.37
N ILE B 201 -3.67 -25.12 -3.73
CA ILE B 201 -2.47 -25.14 -2.91
C ILE B 201 -1.22 -25.48 -3.73
N LEU B 202 -0.05 -24.93 -3.39
CA LEU B 202 1.19 -25.28 -4.10
C LEU B 202 2.19 -25.87 -3.10
N PRO B 203 3.00 -26.85 -3.55
CA PRO B 203 3.97 -27.45 -2.63
C PRO B 203 5.15 -26.52 -2.40
N ILE B 204 5.40 -26.20 -1.13
CA ILE B 204 6.53 -25.36 -0.74
C ILE B 204 7.59 -26.29 -0.13
N LYS B 205 8.74 -26.39 -0.77
CA LYS B 205 9.82 -27.24 -0.27
C LYS B 205 10.43 -26.60 0.97
N LEU B 206 10.60 -27.40 2.03
CA LEU B 206 11.19 -26.93 3.28
C LEU B 206 12.67 -27.26 3.18
N PRO B 207 13.53 -26.48 3.84
CA PRO B 207 14.97 -26.73 3.78
C PRO B 207 15.56 -28.04 4.29
N ASP B 208 14.74 -28.92 4.88
CA ASP B 208 15.26 -30.20 5.39
C ASP B 208 15.16 -31.24 4.29
N GLY B 209 14.17 -31.04 3.42
CA GLY B 209 13.92 -31.94 2.32
C GLY B 209 12.41 -32.12 2.18
N SER B 210 11.69 -31.94 3.28
CA SER B 210 10.24 -32.05 3.30
C SER B 210 9.59 -31.18 2.21
N ILE B 211 8.28 -31.27 2.08
CA ILE B 211 7.55 -30.51 1.09
C ILE B 211 6.22 -30.38 1.75
N CYS B 212 5.61 -29.20 1.73
CA CYS B 212 4.36 -28.99 2.43
C CYS B 212 3.09 -28.68 1.61
N GLN B 213 2.22 -29.68 1.40
CA GLN B 213 1.02 -29.41 0.63
C GLN B 213 -0.30 -29.68 1.28
N SER B 214 -0.36 -29.56 2.60
CA SER B 214 -1.61 -29.77 3.32
C SER B 214 -1.77 -28.78 4.48
N ASP B 215 -2.93 -28.16 4.59
CA ASP B 215 -3.19 -27.23 5.66
C ASP B 215 -3.17 -28.03 6.94
N GLU B 216 -2.15 -27.81 7.77
CA GLU B 216 -2.01 -28.50 9.04
C GLU B 216 -2.71 -27.79 10.16
N GLY B 217 -3.99 -27.53 9.96
CA GLY B 217 -4.78 -26.85 10.96
C GLY B 217 -6.09 -27.56 11.18
N PRO B 218 -6.79 -27.94 10.09
CA PRO B 218 -8.06 -28.65 10.26
C PRO B 218 -7.80 -30.04 10.79
N ARG B 219 -8.57 -30.44 11.80
CA ARG B 219 -8.43 -31.77 12.41
C ARG B 219 -9.78 -32.47 12.53
N PRO B 220 -9.78 -33.81 12.39
CA PRO B 220 -11.00 -34.61 12.48
C PRO B 220 -11.62 -34.71 13.86
N ASN B 221 -12.91 -35.01 13.89
CA ASN B 221 -13.66 -35.23 15.13
C ASN B 221 -13.88 -34.02 16.01
N VAL B 222 -13.73 -32.82 15.46
CA VAL B 222 -13.95 -31.64 16.28
C VAL B 222 -15.46 -31.67 16.42
N THR B 223 -15.96 -31.66 17.65
CA THR B 223 -17.40 -31.76 17.86
C THR B 223 -18.15 -30.61 18.50
N ALA B 224 -17.75 -30.27 19.72
CA ALA B 224 -18.31 -29.17 20.51
C ALA B 224 -17.80 -29.47 21.90
N GLU B 225 -16.92 -28.61 22.42
CA GLU B 225 -16.32 -28.83 23.75
C GLU B 225 -15.87 -27.54 24.43
N SER B 226 -16.02 -27.49 25.75
CA SER B 226 -15.59 -26.32 26.53
C SER B 226 -14.18 -26.47 27.12
N LEU B 227 -13.40 -25.40 26.99
CA LEU B 227 -12.03 -25.31 27.48
C LEU B 227 -11.72 -23.91 27.99
N SER B 247 -9.54 -17.90 15.49
CA SER B 247 -8.79 -18.33 14.27
C SER B 247 -7.45 -18.83 14.71
N GLN B 248 -6.54 -19.07 13.79
CA GLN B 248 -5.25 -19.64 14.18
C GLN B 248 -3.97 -18.89 13.77
N VAL B 249 -3.04 -18.78 14.72
CA VAL B 249 -1.76 -18.17 14.49
C VAL B 249 -0.99 -19.12 13.52
N SER B 250 -0.92 -18.73 12.26
CA SER B 250 -0.26 -19.54 11.24
C SER B 250 0.66 -18.70 10.38
N ASP B 251 1.18 -19.30 9.31
CA ASP B 251 2.08 -18.64 8.36
C ASP B 251 1.73 -19.10 6.92
N GLY B 252 1.73 -18.18 5.96
CA GLY B 252 1.43 -18.60 4.61
C GLY B 252 1.58 -17.51 3.58
N VAL B 253 1.56 -17.90 2.30
CA VAL B 253 1.69 -16.99 1.18
C VAL B 253 0.50 -17.25 0.31
N ALA B 254 0.20 -16.31 -0.57
CA ALA B 254 -0.90 -16.46 -1.50
C ALA B 254 -0.67 -15.42 -2.59
N GLY B 255 -0.91 -15.78 -3.85
CA GLY B 255 -0.71 -14.85 -4.94
C GLY B 255 -1.91 -14.75 -5.84
N VAL B 256 -2.01 -13.62 -6.54
CA VAL B 256 -3.10 -13.38 -7.48
C VAL B 256 -2.50 -12.60 -8.67
N LEU B 257 -2.84 -13.03 -9.89
CA LEU B 257 -2.34 -12.40 -11.11
C LEU B 257 -3.50 -11.82 -11.87
N LEU B 258 -3.67 -10.50 -11.79
CA LEU B 258 -4.73 -9.80 -12.50
C LEU B 258 -4.12 -9.29 -13.82
N ALA B 259 -5.04 -9.00 -14.76
CA ALA B 259 -4.81 -8.50 -16.13
C ALA B 259 -6.13 -7.89 -16.62
N ARG B 260 -6.09 -7.01 -17.61
CA ARG B 260 -7.31 -6.40 -18.19
C ARG B 260 -7.76 -7.37 -19.30
N ARG B 261 -9.06 -7.67 -19.39
CA ARG B 261 -9.55 -8.61 -20.40
C ARG B 261 -8.92 -8.44 -21.79
N SER B 262 -8.90 -7.19 -22.27
CA SER B 262 -8.32 -6.88 -23.57
C SER B 262 -6.96 -7.53 -23.76
N VAL B 263 -6.06 -7.26 -22.83
CA VAL B 263 -4.69 -7.74 -22.88
C VAL B 263 -4.62 -9.24 -22.79
N ALA B 264 -5.61 -9.81 -22.12
CA ALA B 264 -5.69 -11.28 -21.93
C ALA B 264 -6.00 -11.94 -23.27
N ASN B 265 -7.11 -11.53 -23.89
CA ASN B 265 -7.53 -12.05 -25.17
C ASN B 265 -6.40 -12.02 -26.14
N GLN B 266 -5.75 -10.87 -26.23
CA GLN B 266 -4.64 -10.65 -27.14
C GLN B 266 -3.53 -11.64 -26.91
N LEU B 267 -3.32 -11.97 -25.64
CA LEU B 267 -2.25 -12.88 -25.30
C LEU B 267 -2.77 -14.32 -25.16
N ASN B 268 -4.09 -14.46 -25.18
CA ASN B 268 -4.72 -15.75 -24.97
C ASN B 268 -4.21 -16.31 -23.66
N LEU B 269 -4.75 -15.77 -22.59
CA LEU B 269 -4.38 -16.19 -21.26
C LEU B 269 -5.65 -16.70 -20.62
N PRO B 270 -5.57 -17.85 -19.95
CA PRO B 270 -6.73 -18.43 -19.27
C PRO B 270 -7.31 -17.39 -18.34
N VAL B 271 -8.59 -17.48 -18.03
CA VAL B 271 -9.22 -16.50 -17.19
C VAL B 271 -10.12 -17.24 -16.25
N LEU B 272 -9.81 -17.18 -14.94
CA LEU B 272 -10.58 -17.87 -13.89
C LEU B 272 -11.83 -17.14 -13.43
N GLY B 273 -11.81 -15.83 -13.51
CA GLY B 273 -12.95 -15.06 -13.07
C GLY B 273 -12.50 -13.62 -13.12
N ARG B 274 -13.31 -12.70 -12.66
CA ARG B 274 -12.90 -11.31 -12.72
C ARG B 274 -13.31 -10.56 -11.47
N TYR B 275 -12.43 -9.64 -11.09
CA TYR B 275 -12.62 -8.79 -9.94
C TYR B 275 -13.74 -7.80 -10.35
N ILE B 276 -14.73 -7.54 -9.49
CA ILE B 276 -15.79 -6.62 -9.87
C ILE B 276 -15.65 -5.30 -9.16
N ASP B 277 -15.49 -5.34 -7.85
CA ASP B 277 -15.35 -4.15 -7.02
C ASP B 277 -14.67 -4.48 -5.68
N PHE B 278 -14.50 -3.45 -4.85
CA PHE B 278 -13.86 -3.52 -3.53
C PHE B 278 -14.31 -2.29 -2.72
N GLN B 279 -14.53 -2.45 -1.43
CA GLN B 279 -14.95 -1.37 -0.54
C GLN B 279 -14.43 -1.62 0.87
N THR B 280 -13.97 -0.55 1.52
CA THR B 280 -13.47 -0.61 2.90
C THR B 280 -14.30 0.37 3.69
N VAL B 281 -14.37 0.16 5.00
CA VAL B 281 -15.09 1.07 5.83
C VAL B 281 -14.34 1.13 7.15
N GLY B 282 -14.62 2.21 7.89
CA GLY B 282 -14.03 2.42 9.20
C GLY B 282 -15.11 1.96 10.12
N VAL B 283 -14.68 1.28 11.19
CA VAL B 283 -15.54 0.66 12.19
C VAL B 283 -14.92 0.93 13.61
N PRO B 284 -15.78 1.10 14.66
CA PRO B 284 -15.26 1.35 16.01
C PRO B 284 -14.16 0.34 16.30
N PRO B 285 -12.96 0.80 16.65
CA PRO B 285 -11.83 -0.09 16.94
C PRO B 285 -12.08 -1.12 18.05
N GLU B 286 -12.89 -0.76 19.05
CA GLU B 286 -13.16 -1.69 20.15
C GLU B 286 -14.00 -2.88 19.71
N ILE B 287 -14.78 -2.70 18.65
CA ILE B 287 -15.62 -3.75 18.11
C ILE B 287 -15.26 -3.95 16.64
N MET B 288 -13.97 -4.19 16.41
CA MET B 288 -13.39 -4.40 15.08
C MET B 288 -14.11 -5.44 14.25
N GLY B 289 -14.33 -6.62 14.84
CA GLY B 289 -14.96 -7.73 14.17
C GLY B 289 -16.20 -7.41 13.37
N VAL B 290 -16.88 -6.35 13.77
CA VAL B 290 -18.10 -5.89 13.14
C VAL B 290 -17.87 -5.41 11.72
N GLY B 291 -16.60 -5.32 11.32
CA GLY B 291 -16.24 -4.87 9.98
C GLY B 291 -17.15 -5.33 8.85
N PRO B 292 -17.23 -6.65 8.55
CA PRO B 292 -18.05 -7.30 7.50
C PRO B 292 -19.52 -6.88 7.44
N ALA B 293 -20.10 -6.55 8.61
CA ALA B 293 -21.49 -6.13 8.68
C ALA B 293 -21.69 -4.73 8.11
N TYR B 294 -20.59 -4.04 7.77
CA TYR B 294 -20.68 -2.70 7.21
C TYR B 294 -20.02 -2.64 5.86
N ALA B 295 -19.00 -3.48 5.64
CA ALA B 295 -18.31 -3.46 4.36
C ALA B 295 -19.15 -4.09 3.26
N ILE B 296 -19.80 -5.19 3.61
CA ILE B 296 -20.60 -5.94 2.67
C ILE B 296 -21.73 -5.14 2.09
N PRO B 297 -22.56 -4.52 2.92
CA PRO B 297 -23.65 -3.73 2.34
C PRO B 297 -23.11 -2.63 1.44
N LYS B 298 -21.92 -2.13 1.78
CA LYS B 298 -21.25 -1.05 1.04
C LYS B 298 -20.87 -1.46 -0.39
N VAL B 299 -20.17 -2.58 -0.51
CA VAL B 299 -19.80 -3.07 -1.83
C VAL B 299 -21.06 -3.48 -2.58
N LEU B 300 -22.07 -3.92 -1.85
CA LEU B 300 -23.30 -4.34 -2.48
C LEU B 300 -23.98 -3.14 -3.11
N GLU B 301 -24.27 -2.11 -2.33
CA GLU B 301 -24.90 -0.90 -2.85
C GLU B 301 -24.15 -0.30 -4.05
N ALA B 302 -22.82 -0.23 -3.95
CA ALA B 302 -21.98 0.33 -5.01
C ALA B 302 -22.00 -0.46 -6.32
N THR B 303 -22.40 -1.73 -6.28
CA THR B 303 -22.48 -2.57 -7.48
C THR B 303 -23.91 -2.82 -7.90
N GLY B 304 -24.83 -2.78 -6.94
CA GLY B 304 -26.22 -3.01 -7.27
C GLY B 304 -26.73 -4.38 -6.86
N LEU B 305 -25.84 -5.26 -6.42
CA LEU B 305 -26.26 -6.58 -6.00
C LEU B 305 -26.97 -6.50 -4.63
N GLN B 306 -27.58 -7.59 -4.17
CA GLN B 306 -28.23 -7.66 -2.86
C GLN B 306 -27.71 -8.96 -2.26
N VAL B 307 -27.76 -9.08 -0.93
CA VAL B 307 -27.25 -10.28 -0.23
C VAL B 307 -27.64 -11.56 -0.98
N GLN B 308 -28.93 -11.68 -1.29
CA GLN B 308 -29.50 -12.84 -1.98
C GLN B 308 -29.06 -13.04 -3.44
N ASP B 309 -28.14 -12.22 -3.91
CA ASP B 309 -27.61 -12.32 -5.26
C ASP B 309 -26.25 -12.95 -5.15
N ILE B 310 -25.86 -13.35 -3.96
CA ILE B 310 -24.52 -13.91 -3.80
C ILE B 310 -24.57 -15.40 -3.63
N ASP B 311 -23.74 -16.08 -4.38
CA ASP B 311 -23.75 -17.51 -4.27
C ASP B 311 -22.93 -17.89 -3.08
N ILE B 312 -21.70 -17.42 -3.06
CA ILE B 312 -20.83 -17.74 -1.94
C ILE B 312 -20.24 -16.52 -1.20
N PHE B 313 -20.15 -16.66 0.12
CA PHE B 313 -19.55 -15.64 0.98
C PHE B 313 -18.30 -16.19 1.63
N GLU B 314 -17.14 -15.61 1.32
CA GLU B 314 -15.90 -15.97 2.01
C GLU B 314 -15.64 -14.89 3.14
N ILE B 315 -16.38 -15.01 4.23
CA ILE B 315 -16.29 -14.08 5.36
C ILE B 315 -15.25 -14.62 6.32
N ASN B 316 -14.17 -13.87 6.55
CA ASN B 316 -13.11 -14.32 7.43
C ASN B 316 -13.55 -14.36 8.89
N GLU B 317 -13.25 -15.50 9.51
CA GLU B 317 -13.60 -15.73 10.91
C GLU B 317 -12.36 -15.48 11.76
N ALA B 318 -12.20 -14.24 12.20
CA ALA B 318 -11.07 -13.88 13.02
C ALA B 318 -11.37 -14.63 14.29
N PHE B 319 -12.62 -14.52 14.71
CA PHE B 319 -13.09 -15.19 15.89
C PHE B 319 -14.52 -15.58 15.52
N ALA B 320 -15.01 -16.68 16.09
CA ALA B 320 -16.36 -17.18 15.82
C ALA B 320 -17.45 -16.20 16.24
N ALA B 321 -17.31 -15.62 17.44
CA ALA B 321 -18.30 -14.68 17.92
C ALA B 321 -18.62 -13.67 16.84
N GLN B 322 -17.59 -13.02 16.30
CA GLN B 322 -17.76 -12.00 15.25
C GLN B 322 -18.28 -12.50 13.90
N ALA B 323 -17.81 -13.66 13.46
CA ALA B 323 -18.27 -14.23 12.20
C ALA B 323 -19.79 -14.40 12.28
N LEU B 324 -20.23 -15.09 13.33
CA LEU B 324 -21.65 -15.34 13.54
C LEU B 324 -22.52 -14.11 13.57
N TYR B 325 -22.02 -13.08 14.24
CA TYR B 325 -22.70 -11.80 14.37
C TYR B 325 -22.88 -11.17 13.01
N CYS B 326 -21.79 -11.19 12.24
CA CYS B 326 -21.82 -10.62 10.91
C CYS B 326 -22.88 -11.33 10.05
N ILE B 327 -22.76 -12.65 9.93
CA ILE B 327 -23.69 -13.49 9.15
C ILE B 327 -25.17 -13.29 9.54
N HIS B 328 -25.43 -13.15 10.83
CA HIS B 328 -26.81 -12.99 11.27
C HIS B 328 -27.38 -11.57 11.17
N LYS B 329 -26.54 -10.55 11.19
CA LYS B 329 -27.02 -9.18 11.08
C LYS B 329 -27.43 -8.94 9.62
N LEU B 330 -26.56 -9.35 8.72
CA LEU B 330 -26.79 -9.21 7.29
C LEU B 330 -27.92 -10.10 6.78
N GLY B 331 -28.06 -11.28 7.36
CA GLY B 331 -29.08 -12.21 6.95
C GLY B 331 -28.50 -13.16 5.94
N ILE B 332 -27.19 -13.32 5.93
CA ILE B 332 -26.55 -14.23 4.99
C ILE B 332 -26.93 -15.69 5.27
N ASP B 333 -27.13 -16.48 4.22
CA ASP B 333 -27.49 -17.88 4.37
C ASP B 333 -26.25 -18.58 4.92
N LEU B 334 -26.34 -19.09 6.15
CA LEU B 334 -25.21 -19.78 6.78
C LEU B 334 -24.78 -20.93 5.90
N ASN B 335 -25.64 -21.35 4.98
CA ASN B 335 -25.27 -22.44 4.09
C ASN B 335 -24.26 -21.92 3.11
N LYS B 336 -24.47 -20.67 2.70
CA LYS B 336 -23.60 -19.97 1.74
C LYS B 336 -22.28 -19.40 2.33
N VAL B 337 -22.07 -19.57 3.62
CA VAL B 337 -20.90 -19.06 4.31
C VAL B 337 -19.73 -20.03 4.50
N ASN B 338 -18.56 -19.57 4.11
CA ASN B 338 -17.35 -20.36 4.27
C ASN B 338 -17.58 -21.86 4.02
N PRO B 339 -18.00 -22.20 2.80
CA PRO B 339 -18.27 -23.57 2.37
C PRO B 339 -17.23 -24.65 2.73
N ARG B 340 -15.93 -24.42 2.48
CA ARG B 340 -14.91 -25.41 2.78
C ARG B 340 -14.08 -25.17 4.03
N GLY B 341 -14.68 -24.49 5.01
CA GLY B 341 -13.96 -24.22 6.24
C GLY B 341 -13.36 -22.83 6.26
N GLY B 342 -13.26 -22.27 7.47
CA GLY B 342 -12.71 -20.94 7.64
C GLY B 342 -11.38 -20.84 8.35
N ALA B 343 -11.12 -19.62 8.81
CA ALA B 343 -9.91 -19.20 9.54
C ALA B 343 -9.78 -19.96 10.84
N ILE B 344 -10.91 -20.16 11.52
CA ILE B 344 -10.90 -20.89 12.80
C ILE B 344 -10.18 -22.22 12.72
N ALA B 345 -10.35 -22.89 11.58
CA ALA B 345 -9.78 -24.19 11.36
C ALA B 345 -8.58 -24.17 10.50
N LEU B 346 -8.61 -23.27 9.53
CA LEU B 346 -7.51 -23.16 8.58
C LEU B 346 -6.35 -22.36 9.10
N GLY B 347 -6.66 -21.35 9.92
CA GLY B 347 -5.62 -20.48 10.44
C GLY B 347 -5.77 -19.14 9.78
N HIS B 348 -5.01 -18.16 10.26
CA HIS B 348 -5.11 -16.77 9.75
C HIS B 348 -3.76 -16.07 9.70
N PRO B 349 -2.98 -16.30 8.62
CA PRO B 349 -1.65 -15.67 8.45
C PRO B 349 -1.86 -14.22 7.96
N LEU B 350 -2.30 -13.39 8.90
CA LEU B 350 -2.61 -11.98 8.77
C LEU B 350 -2.59 -11.44 7.37
N GLY B 351 -1.37 -11.22 6.86
CA GLY B 351 -1.16 -10.67 5.54
C GLY B 351 -1.78 -11.50 4.45
N CYS B 352 -1.23 -12.70 4.27
CA CYS B 352 -1.66 -13.63 3.24
C CYS B 352 -3.18 -13.96 3.14
N THR B 353 -3.89 -13.85 4.25
CA THR B 353 -5.32 -14.16 4.23
C THR B 353 -6.19 -13.55 3.14
N GLY B 354 -6.17 -12.23 2.98
CA GLY B 354 -7.05 -11.60 2.00
C GLY B 354 -6.95 -12.10 0.58
N ALA B 355 -5.81 -12.68 0.22
CA ALA B 355 -5.58 -13.17 -1.14
C ALA B 355 -5.72 -14.68 -1.17
N ARG B 356 -5.65 -15.29 0.01
CA ARG B 356 -5.83 -16.73 0.20
C ARG B 356 -7.31 -17.05 -0.05
N GLN B 357 -8.18 -16.19 0.45
CA GLN B 357 -9.60 -16.37 0.28
C GLN B 357 -9.97 -16.25 -1.17
N VAL B 358 -9.21 -15.49 -1.94
CA VAL B 358 -9.56 -15.34 -3.35
C VAL B 358 -9.31 -16.67 -4.03
N ALA B 359 -8.08 -17.20 -3.91
CA ALA B 359 -7.71 -18.48 -4.51
C ALA B 359 -8.80 -19.47 -4.17
N THR B 360 -9.16 -19.49 -2.89
CA THR B 360 -10.18 -20.37 -2.36
C THR B 360 -11.54 -20.11 -3.00
N ILE B 361 -12.10 -18.93 -2.86
CA ILE B 361 -13.44 -18.71 -3.40
C ILE B 361 -13.58 -19.03 -4.86
N LEU B 362 -12.47 -19.09 -5.59
CA LEU B 362 -12.54 -19.38 -7.01
C LEU B 362 -12.79 -20.85 -7.28
N ARG B 363 -12.27 -21.73 -6.42
CA ARG B 363 -12.50 -23.14 -6.60
C ARG B 363 -13.87 -23.51 -6.08
N GLU B 364 -14.46 -22.69 -5.21
CA GLU B 364 -15.81 -23.02 -4.71
C GLU B 364 -16.90 -22.52 -5.63
N LEU B 365 -16.55 -21.62 -6.51
CA LEU B 365 -17.54 -21.09 -7.41
C LEU B 365 -17.69 -21.89 -8.71
N LYS B 366 -18.88 -21.80 -9.29
CA LYS B 366 -19.21 -22.43 -10.56
C LYS B 366 -19.44 -21.27 -11.57
N LYS B 367 -18.99 -21.48 -12.82
CA LYS B 367 -19.13 -20.51 -13.91
C LYS B 367 -20.35 -19.60 -13.73
N ASP B 368 -20.15 -18.29 -13.90
CA ASP B 368 -21.21 -17.27 -13.77
C ASP B 368 -21.86 -17.05 -12.43
N GLN B 369 -21.12 -17.32 -11.35
CA GLN B 369 -21.56 -17.13 -9.97
C GLN B 369 -20.79 -15.96 -9.34
N ILE B 370 -21.49 -15.21 -8.50
CA ILE B 370 -20.95 -14.05 -7.77
C ILE B 370 -20.61 -14.42 -6.31
N GLY B 371 -19.42 -14.10 -5.85
CA GLY B 371 -19.05 -14.40 -4.46
C GLY B 371 -18.30 -13.24 -3.82
N VAL B 372 -18.51 -12.95 -2.54
CA VAL B 372 -17.81 -11.85 -1.89
C VAL B 372 -16.76 -12.36 -0.95
N VAL B 373 -15.76 -11.51 -0.72
CA VAL B 373 -14.65 -11.83 0.19
C VAL B 373 -14.59 -10.66 1.18
N SER B 374 -14.89 -10.95 2.43
CA SER B 374 -14.90 -9.92 3.47
C SER B 374 -14.13 -10.35 4.68
N MET B 375 -13.73 -9.37 5.47
CA MET B 375 -13.00 -9.59 6.72
C MET B 375 -13.01 -8.30 7.55
N CYS B 376 -13.04 -8.50 8.86
CA CYS B 376 -12.99 -7.41 9.83
C CYS B 376 -11.53 -7.00 9.77
N ILE B 377 -11.23 -5.73 10.00
CA ILE B 377 -9.83 -5.32 9.97
C ILE B 377 -9.39 -4.79 11.33
N GLY B 378 -8.15 -5.12 11.67
CA GLY B 378 -7.51 -4.74 12.91
C GLY B 378 -7.90 -3.49 13.68
N THR B 379 -7.26 -2.36 13.40
CA THR B 379 -7.55 -1.13 14.11
C THR B 379 -8.91 -0.52 13.79
N GLY B 380 -9.90 -1.40 13.59
CA GLY B 380 -11.26 -0.97 13.33
C GLY B 380 -11.69 -0.70 11.92
N MET B 381 -11.55 -1.68 11.04
CA MET B 381 -12.00 -1.47 9.66
C MET B 381 -12.80 -2.65 9.09
N GLY B 382 -13.26 -2.49 7.86
CA GLY B 382 -14.00 -3.55 7.19
C GLY B 382 -13.75 -3.52 5.69
N ALA B 383 -13.37 -4.65 5.11
CA ALA B 383 -13.14 -4.67 3.66
C ALA B 383 -14.03 -5.75 3.04
N ALA B 384 -14.23 -5.70 1.73
CA ALA B 384 -15.05 -6.68 1.02
C ALA B 384 -14.99 -6.44 -0.48
N ALA B 385 -14.48 -7.42 -1.21
CA ALA B 385 -14.40 -7.37 -2.66
C ALA B 385 -15.44 -8.32 -3.25
N ILE B 386 -15.93 -8.04 -4.46
CA ILE B 386 -16.91 -8.93 -5.11
C ILE B 386 -16.24 -9.57 -6.32
N PHE B 387 -16.58 -10.80 -6.64
CA PHE B 387 -16.01 -11.47 -7.81
C PHE B 387 -17.06 -12.26 -8.58
N ILE B 388 -16.68 -12.70 -9.78
CA ILE B 388 -17.51 -13.54 -10.65
C ILE B 388 -16.59 -14.54 -11.35
N LYS B 389 -17.15 -15.74 -11.54
CA LYS B 389 -16.48 -16.85 -12.20
C LYS B 389 -16.68 -16.65 -13.73
N GLU B 390 -15.57 -16.30 -14.42
CA GLU B 390 -15.45 -16.03 -15.89
C GLU B 390 -15.17 -14.57 -16.43
#